data_7LJC
#
_entry.id   7LJC
#
_cell.length_a   1.00
_cell.length_b   1.00
_cell.length_c   1.00
_cell.angle_alpha   90.00
_cell.angle_beta   90.00
_cell.angle_gamma   90.00
#
_symmetry.space_group_name_H-M   'P 1'
#
loop_
_entity.id
_entity.type
_entity.pdbx_description
1 polymer 'D(1A) dopamine receptor'
2 polymer 'Engineered human Gs alpha subunit'
3 polymer 'Guanine nucleotide-binding protein G(I)/G(S)/G(T) subunit beta-1'
4 polymer 'Guanine nucleotide-binding protein G(I)/G(S)/G(O) subunit gamma-2'
5 polymer 'Nanoboy 35'
6 non-polymer (1R)-6-chloro-1-phenyl-2,3,4,5-tetrahydro-1H-3-benzazepine-7,8-diol
7 non-polymer 2-[2,6-bis(chloranyl)phenyl]-1-[(1S,3R)-3-(hydroxymethyl)-1-methyl-5-(3-methyl-3-oxidanyl-butyl)-3,4-dihydro-1H-isoquinolin-2-yl]ethanone
8 non-polymer CHOLESTEROL
9 non-polymer 'PALMITIC ACID'
#
loop_
_entity_poly.entity_id
_entity_poly.type
_entity_poly.pdbx_seq_one_letter_code
_entity_poly.pdbx_strand_id
1 'polypeptide(L)'
;DYKDDDDVDMGQPGNGSAFLLAPNGSHAPDHDVTQQRDEENLYFQGASMRTLNTSAMDGTGLVVERDFSVRILTACFLSL
LILSTLLGNTLVCAAVIRFRHLRSKVTNFFVISLAVSDLLVAVLVMPWKAVAEIAGFWPFGSFCNIWVAFDIMCSTASIL
NLCVISVDRYWAISSPFRYERKMTPKAAFILISVAWTLSVLISFIPVQLSWHKAKPTSPSDGNATSLAETIDNCDSSLSR
TYAISSSVISFYIPVAIMIVTYTRIYRIAQKQIRRIAALERAAVHAKNCQTTTGNGKPVECSQPESSFKMSFKRETKVLK
TLSVIMGVFVCCWLPFFILNCILPFCGSGETQPFCIDSNTFDVFVWFGWANSSLNPIIYAFNADFRKAFSTLLGCYRLCP
ATNNAIETVSINNNGAAMFSSHHEPRGSISKECNLVYLIPHAVGSSEDLKKEEAAGIARPLEKLSPALSVILDYDTDVSL
EKIQPITQNGQHPTHHHHHHHH
;
R
2 'polypeptide(L)'
;MGCLGNSKTEDQRNEEKAQREANKMIEKQLQKDKQVYRATHRLLLLGADNSGKSTIVKQMRIYHVNSGIFETKFQVDKVN
FHMFDVGAQRDERRKWIQCFNDVTAIIFVVDSSDYNRLQEALNDFKSIWNNRWLRTISVILFLNKQDLLAEKVLAGKSKI
EDYFPEFARYTTPEDATPEPGEDPRVTRAKYFIRDEFLRISTASGDGRHYCYPHFTCSVDTENARRIFNDCRDIIQRMHL
RQYELL
;
A
3 'polypeptide(L)'
;HHHHHHHHMGSLLQSELDQLRQEAEQLKNQIRDARKACADATLSQITNNIDPVGRIQMRTRRTLRGHLAKIYAMHWGTDS
RLLVSASQDGKLIIWDSYTTNKVHAIPLRSSWVMTCAYAPSGNYVACGGLDNICSIYNLKTREGNVRVSRELAGHTGYLS
CCRFLDDNQIVTSSGDTTCALWDIETGQQTTTFTGHTGDVMSLSLAPDTRLFVSGACDASAKLWDVREGMCRQTFTGHES
DINAICFFPNGNAFATGSDDATCRLFDLRADQELMTYSHDNIICGITSVSFSKSGRLLLAGYDDFNCNVWDALKADRAGV
LAGHDNRVSCLGVTDDGMAVATGSWDSFLKIWN
;
B
4 'polypeptide(L)' ASNNTASIAQARKLVEQLKMEANIDRIKVSKAAADLMAYCEAHAKEDPLLTPVPASENPFREKKFFC G
5 'polypeptide(L)'
;MQVQLQESGGGLVQPGGSLRLSCAASGFTFSNYKMNWVRQAPGKGLEWVSDISQSGASISYTGSVKGRFTISRDNAKNTL
YLQMNSLKPEDTAVYYCARCPAPFTRDCFDVTSTTYAYRGQGTQVTVSSHHHHHH
;
N
#
loop_
_chem_comp.id
_chem_comp.type
_chem_comp.name
_chem_comp.formula
CLR non-polymer CHOLESTEROL 'C27 H46 O'
G4C non-polymer 2-[2,6-bis(chloranyl)phenyl]-1-[(1S,3R)-3-(hydroxymethyl)-1-methyl-5-(3-methyl-3-oxidanyl-butyl)-3,4-dihydro-1H-isoquinolin-2-yl]ethanone 'C24 H29 Cl2 N O3'
PLM non-polymer 'PALMITIC ACID' 'C16 H32 O2'
SK0 non-polymer (1R)-6-chloro-1-phenyl-2,3,4,5-tetrahydro-1H-3-benzazepine-7,8-diol 'C16 H16 Cl N O2'
#
# COMPACT_ATOMS: atom_id res chain seq x y z
N SER A 69 14.87 19.53 -53.82
CA SER A 69 15.45 18.33 -53.21
C SER A 69 15.83 18.59 -51.76
N VAL A 70 16.76 19.54 -51.56
CA VAL A 70 17.18 19.91 -50.22
C VAL A 70 16.03 20.58 -49.46
N ARG A 71 15.26 21.42 -50.16
CA ARG A 71 14.13 22.14 -49.56
C ARG A 71 13.09 21.19 -48.99
N ILE A 72 12.77 20.10 -49.71
CA ILE A 72 11.73 19.18 -49.27
C ILE A 72 12.21 18.40 -48.05
N LEU A 73 13.51 18.06 -48.01
CA LEU A 73 14.08 17.37 -46.87
C LEU A 73 14.08 18.27 -45.63
N THR A 74 14.45 19.54 -45.82
CA THR A 74 14.44 20.51 -44.73
C THR A 74 13.02 20.67 -44.20
N ALA A 75 12.03 20.73 -45.11
CA ALA A 75 10.64 20.90 -44.71
C ALA A 75 10.16 19.68 -43.94
N CYS A 76 10.64 18.49 -44.33
CA CYS A 76 10.23 17.25 -43.66
C CYS A 76 10.78 17.18 -42.25
N PHE A 77 12.08 17.49 -42.08
CA PHE A 77 12.69 17.54 -40.75
C PHE A 77 12.01 18.58 -39.85
N LEU A 78 11.81 19.80 -40.36
CA LEU A 78 11.12 20.84 -39.57
C LEU A 78 9.71 20.40 -39.20
N SER A 79 8.99 19.78 -40.13
CA SER A 79 7.60 19.38 -39.89
C SER A 79 7.56 18.29 -38.84
N LEU A 80 8.52 17.36 -38.90
CA LEU A 80 8.58 16.25 -37.95
C LEU A 80 8.92 16.75 -36.56
N LEU A 81 9.80 17.78 -36.49
CA LEU A 81 10.15 18.37 -35.21
C LEU A 81 8.96 19.08 -34.57
N ILE A 82 8.23 19.86 -35.37
CA ILE A 82 7.00 20.52 -34.88
C ILE A 82 5.97 19.49 -34.45
N LEU A 83 5.75 18.44 -35.26
CA LEU A 83 4.83 17.36 -34.90
C LEU A 83 5.24 16.68 -33.60
N SER A 84 6.55 16.45 -33.41
CA SER A 84 7.05 15.79 -32.20
C SER A 84 6.80 16.66 -30.97
N THR A 85 7.05 17.97 -31.11
CA THR A 85 6.88 18.90 -30.01
C THR A 85 5.40 19.01 -29.63
N LEU A 86 4.53 19.13 -30.64
CA LEU A 86 3.08 19.15 -30.43
C LEU A 86 2.58 17.87 -29.78
N LEU A 87 3.04 16.71 -30.28
CA LEU A 87 2.61 15.42 -29.75
C LEU A 87 3.01 15.28 -28.29
N GLY A 88 4.28 15.54 -27.97
CA GLY A 88 4.76 15.37 -26.61
C GLY A 88 4.08 16.29 -25.62
N ASN A 89 3.96 17.59 -25.97
CA ASN A 89 3.32 18.54 -25.07
C ASN A 89 1.83 18.29 -24.93
N THR A 90 1.14 17.99 -26.04
CA THR A 90 -0.27 17.63 -25.99
C THR A 90 -0.50 16.40 -25.12
N LEU A 91 0.37 15.38 -25.23
CA LEU A 91 0.25 14.20 -24.38
C LEU A 91 0.44 14.53 -22.91
N VAL A 92 1.38 15.41 -22.58
CA VAL A 92 1.62 15.77 -21.18
C VAL A 92 0.43 16.54 -20.60
N CYS A 93 -0.03 17.58 -21.32
CA CYS A 93 -1.16 18.37 -20.87
C CYS A 93 -2.45 17.56 -20.79
N ALA A 94 -2.72 16.73 -21.81
CA ALA A 94 -3.87 15.82 -21.78
C ALA A 94 -3.81 14.88 -20.59
N ALA A 95 -2.68 14.15 -20.45
CA ALA A 95 -2.49 13.19 -19.37
C ALA A 95 -2.67 13.83 -17.99
N VAL A 96 -2.29 15.09 -17.82
CA VAL A 96 -2.41 15.69 -16.50
C VAL A 96 -3.78 16.36 -16.27
N ILE A 97 -4.48 16.76 -17.34
CA ILE A 97 -5.91 17.07 -17.22
C ILE A 97 -6.70 15.83 -16.82
N ARG A 98 -6.45 14.70 -17.50
CA ARG A 98 -7.28 13.51 -17.34
C ARG A 98 -7.09 12.82 -16.00
N PHE A 99 -5.87 12.80 -15.47
CA PHE A 99 -5.57 12.05 -14.26
C PHE A 99 -5.40 13.01 -13.08
N ARG A 100 -5.93 12.59 -11.93
CA ARG A 100 -5.91 13.41 -10.73
C ARG A 100 -4.60 13.27 -9.96
N HIS A 101 -4.00 12.08 -9.95
CA HIS A 101 -2.83 11.83 -9.11
C HIS A 101 -1.60 12.59 -9.61
N LEU A 102 -1.53 12.88 -10.91
CA LEU A 102 -0.44 13.69 -11.44
C LEU A 102 -0.54 15.13 -10.95
N ARG A 103 -1.74 15.70 -10.99
CA ARG A 103 -1.97 17.07 -10.55
C ARG A 103 -2.11 17.20 -9.03
N SER A 104 -2.18 16.07 -8.30
CA SER A 104 -2.29 16.12 -6.85
C SER A 104 -0.98 16.51 -6.19
N LYS A 105 0.15 16.38 -6.89
CA LYS A 105 1.44 16.75 -6.34
C LYS A 105 1.80 18.17 -6.76
N VAL A 106 2.50 18.87 -5.86
CA VAL A 106 2.87 20.26 -6.11
C VAL A 106 4.08 20.35 -7.02
N THR A 107 4.88 19.27 -7.09
CA THR A 107 6.06 19.23 -7.96
C THR A 107 5.65 19.27 -9.44
N ASN A 108 4.60 18.55 -9.81
CA ASN A 108 4.16 18.45 -11.20
C ASN A 108 3.56 19.73 -11.75
N PHE A 109 3.21 20.72 -10.91
CA PHE A 109 2.67 21.98 -11.39
C PHE A 109 3.65 22.69 -12.33
N PHE A 110 4.93 22.60 -12.01
CA PHE A 110 5.96 23.25 -12.83
C PHE A 110 6.13 22.49 -14.14
N VAL A 111 5.98 21.17 -14.10
CA VAL A 111 6.07 20.35 -15.31
C VAL A 111 4.88 20.64 -16.23
N ILE A 112 3.69 20.90 -15.64
CA ILE A 112 2.55 21.43 -16.40
C ILE A 112 2.92 22.77 -17.06
N SER A 113 3.55 23.67 -16.29
CA SER A 113 3.89 24.99 -16.81
C SER A 113 4.90 24.87 -17.95
N LEU A 114 5.84 23.93 -17.83
CA LEU A 114 6.85 23.68 -18.84
C LEU A 114 6.20 23.13 -20.11
N ALA A 115 5.21 22.25 -19.95
CA ALA A 115 4.49 21.71 -21.09
C ALA A 115 3.71 22.80 -21.81
N VAL A 116 3.10 23.71 -21.04
CA VAL A 116 2.33 24.81 -21.64
C VAL A 116 3.25 25.73 -22.43
N SER A 117 4.45 26.00 -21.89
CA SER A 117 5.40 26.87 -22.57
C SER A 117 5.93 26.22 -23.85
N ASP A 118 6.23 24.92 -23.77
CA ASP A 118 6.74 24.22 -24.95
C ASP A 118 5.65 24.07 -26.00
N LEU A 119 4.38 23.93 -25.57
CA LEU A 119 3.27 23.87 -26.50
C LEU A 119 3.07 25.22 -27.20
N LEU A 120 3.28 26.31 -26.45
CA LEU A 120 3.24 27.64 -27.08
C LEU A 120 4.37 27.82 -28.09
N VAL A 121 5.55 27.24 -27.80
CA VAL A 121 6.63 27.22 -28.81
C VAL A 121 6.19 26.41 -30.03
N ALA A 122 5.60 25.24 -29.77
CA ALA A 122 5.10 24.32 -30.80
C ALA A 122 4.06 24.98 -31.71
N VAL A 123 3.26 25.88 -31.18
CA VAL A 123 2.14 26.44 -31.95
C VAL A 123 2.39 27.85 -32.47
N LEU A 124 2.73 28.79 -31.59
CA LEU A 124 2.79 30.19 -31.99
C LEU A 124 4.12 30.63 -32.60
N VAL A 125 5.16 29.80 -32.60
CA VAL A 125 6.49 30.24 -33.05
C VAL A 125 7.03 29.36 -34.17
N MET A 126 7.18 28.07 -33.87
CA MET A 126 7.80 27.12 -34.81
C MET A 126 7.11 26.99 -36.16
N PRO A 127 5.75 26.90 -36.29
CA PRO A 127 5.18 26.82 -37.65
C PRO A 127 5.47 28.06 -38.48
N TRP A 128 5.32 29.26 -37.88
CA TRP A 128 5.51 30.50 -38.64
C TRP A 128 6.95 30.62 -39.11
N LYS A 129 7.90 30.19 -38.26
CA LYS A 129 9.29 30.27 -38.68
C LYS A 129 9.60 29.19 -39.71
N ALA A 130 8.97 28.01 -39.58
CA ALA A 130 9.12 26.94 -40.57
C ALA A 130 8.68 27.44 -41.94
N VAL A 131 7.50 28.08 -41.99
CA VAL A 131 6.95 28.61 -43.23
C VAL A 131 7.91 29.64 -43.81
N ALA A 132 8.51 30.46 -42.95
CA ALA A 132 9.43 31.50 -43.41
C ALA A 132 10.71 30.89 -43.98
N GLU A 133 11.16 29.78 -43.39
CA GLU A 133 12.39 29.13 -43.84
C GLU A 133 12.18 28.40 -45.15
N ILE A 134 11.04 27.70 -45.28
CA ILE A 134 10.67 27.05 -46.55
C ILE A 134 10.51 28.08 -47.66
N ALA A 135 9.66 29.09 -47.43
CA ALA A 135 9.44 30.15 -48.42
C ALA A 135 10.72 30.93 -48.73
N GLY A 136 11.58 31.12 -47.74
CA GLY A 136 12.76 31.93 -47.89
C GLY A 136 12.54 33.41 -47.64
N PHE A 137 11.33 33.80 -47.28
CA PHE A 137 11.00 35.18 -46.94
C PHE A 137 9.93 35.13 -45.86
N TRP A 138 9.60 36.29 -45.31
CA TRP A 138 8.57 36.37 -44.29
C TRP A 138 7.26 36.81 -44.93
N PRO A 139 6.26 35.93 -45.07
CA PRO A 139 5.01 36.32 -45.73
C PRO A 139 3.96 36.92 -44.81
N PHE A 140 4.19 36.92 -43.50
CA PHE A 140 3.15 37.26 -42.54
C PHE A 140 3.14 38.73 -42.15
N GLY A 141 4.09 39.52 -42.68
CA GLY A 141 4.04 40.97 -42.53
C GLY A 141 4.24 41.47 -41.11
N SER A 142 3.25 42.24 -40.64
CA SER A 142 3.35 42.95 -39.36
C SER A 142 3.40 42.04 -38.14
N PHE A 143 3.03 40.76 -38.30
CA PHE A 143 3.13 39.77 -37.22
C PHE A 143 4.57 39.47 -36.79
N CYS A 144 5.58 39.88 -37.60
CA CYS A 144 6.97 39.49 -37.36
C CYS A 144 7.50 39.98 -36.03
N ASN A 145 7.22 41.25 -35.70
CA ASN A 145 7.61 41.81 -34.40
C ASN A 145 6.88 41.08 -33.29
N ILE A 146 5.59 40.79 -33.50
CA ILE A 146 4.78 40.10 -32.51
C ILE A 146 5.31 38.68 -32.38
N TRP A 147 5.77 38.11 -33.51
CA TRP A 147 6.36 36.78 -33.51
C TRP A 147 7.62 36.77 -32.65
N VAL A 148 8.42 37.85 -32.77
CA VAL A 148 9.66 37.97 -32.02
C VAL A 148 9.35 37.98 -30.54
N ALA A 149 8.24 38.66 -30.15
CA ALA A 149 7.92 38.78 -28.75
C ALA A 149 7.48 37.43 -28.20
N PHE A 150 6.78 36.64 -29.03
CA PHE A 150 6.38 35.32 -28.56
C PHE A 150 7.59 34.43 -28.50
N ASP A 151 8.50 34.65 -29.47
CA ASP A 151 9.76 33.94 -29.53
C ASP A 151 10.57 34.21 -28.28
N ILE A 152 10.65 35.49 -27.90
CA ILE A 152 11.39 35.82 -26.69
C ILE A 152 10.64 35.30 -25.46
N MET A 153 9.31 35.38 -25.44
CA MET A 153 8.59 35.03 -24.22
C MET A 153 8.55 33.53 -23.95
N CYS A 154 8.10 32.76 -24.95
CA CYS A 154 7.90 31.32 -24.77
C CYS A 154 9.19 30.56 -24.53
N SER A 155 10.26 30.93 -25.23
CA SER A 155 11.56 30.32 -24.97
C SER A 155 12.05 30.66 -23.57
N THR A 156 11.90 31.93 -23.16
CA THR A 156 12.30 32.31 -21.81
C THR A 156 11.41 31.60 -20.80
N ALA A 157 10.11 31.46 -21.14
CA ALA A 157 9.17 30.78 -20.27
C ALA A 157 9.61 29.33 -20.08
N SER A 158 10.10 28.70 -21.14
CA SER A 158 10.56 27.33 -21.02
C SER A 158 11.77 27.24 -20.11
N ILE A 159 12.73 28.16 -20.32
CA ILE A 159 14.02 28.08 -19.63
C ILE A 159 13.86 28.40 -18.16
N LEU A 160 13.11 29.45 -17.85
CA LEU A 160 12.91 29.82 -16.46
C LEU A 160 12.14 28.74 -15.73
N ASN A 161 11.23 28.04 -16.43
CA ASN A 161 10.50 26.95 -15.79
C ASN A 161 11.44 25.80 -15.45
N LEU A 162 12.43 25.57 -16.32
CA LEU A 162 13.47 24.58 -16.03
C LEU A 162 14.25 24.98 -14.81
N CYS A 163 14.55 26.29 -14.69
CA CYS A 163 15.26 26.81 -13.54
C CYS A 163 14.43 26.60 -12.29
N VAL A 164 13.12 26.85 -12.40
CA VAL A 164 12.25 26.68 -11.25
C VAL A 164 12.14 25.20 -10.89
N ILE A 165 12.10 24.32 -11.93
CA ILE A 165 12.05 22.88 -11.68
C ILE A 165 13.31 22.44 -10.95
N SER A 166 14.45 23.05 -11.34
CA SER A 166 15.73 22.80 -10.69
C SER A 166 15.63 23.18 -9.22
N VAL A 167 15.17 24.41 -8.97
CA VAL A 167 15.00 24.92 -7.62
C VAL A 167 14.03 24.04 -6.85
N ASP A 168 12.93 23.63 -7.51
CA ASP A 168 11.94 22.73 -6.93
C ASP A 168 12.60 21.43 -6.51
N ARG A 169 13.43 20.89 -7.41
CA ARG A 169 14.10 19.63 -7.19
C ARG A 169 15.08 19.76 -6.04
N TYR A 170 15.77 20.91 -5.98
CA TYR A 170 16.72 21.14 -4.91
C TYR A 170 16.02 21.25 -3.58
N TRP A 171 14.89 21.97 -3.57
CA TRP A 171 14.09 22.11 -2.36
C TRP A 171 13.61 20.76 -1.87
N ALA A 172 13.23 19.88 -2.80
CA ALA A 172 12.83 18.54 -2.39
C ALA A 172 14.02 17.78 -1.82
N ILE A 173 15.15 17.82 -2.52
CA ILE A 173 16.32 17.02 -2.14
C ILE A 173 17.05 17.62 -0.93
N SER A 174 17.31 18.92 -0.94
CA SER A 174 18.11 19.54 0.14
C SER A 174 17.41 19.47 1.50
N SER A 175 16.20 20.01 1.58
CA SER A 175 15.46 20.11 2.84
C SER A 175 14.09 19.51 2.63
N PRO A 176 13.93 18.20 2.87
CA PRO A 176 12.63 17.56 2.60
C PRO A 176 11.52 17.99 3.54
N PHE A 177 11.82 18.18 4.83
CA PHE A 177 10.79 18.54 5.79
C PHE A 177 10.28 19.95 5.53
N ARG A 178 11.20 20.86 5.19
CA ARG A 178 10.82 22.20 4.78
C ARG A 178 10.08 22.18 3.45
N TYR A 179 10.45 21.25 2.56
CA TYR A 179 9.76 21.15 1.28
C TYR A 179 8.32 20.70 1.49
N GLU A 180 8.09 19.74 2.38
CA GLU A 180 6.73 19.29 2.66
C GLU A 180 5.91 20.41 3.28
N ARG A 181 6.50 21.11 4.24
CA ARG A 181 5.82 22.21 4.93
C ARG A 181 5.54 23.42 4.04
N LYS A 182 6.61 24.12 3.62
CA LYS A 182 6.48 25.41 2.97
C LYS A 182 5.94 25.34 1.54
N MET A 183 6.27 24.31 0.77
CA MET A 183 5.84 24.24 -0.62
C MET A 183 4.36 23.86 -0.68
N THR A 184 3.55 24.88 -0.63
CA THR A 184 2.11 24.94 -0.82
C THR A 184 1.84 25.08 -2.32
N PRO A 185 0.68 24.62 -2.82
CA PRO A 185 0.27 25.02 -4.19
C PRO A 185 0.28 26.51 -4.44
N LYS A 186 -0.09 27.33 -3.45
CA LYS A 186 0.02 28.79 -3.56
C LYS A 186 1.46 29.22 -3.88
N ALA A 187 2.44 28.59 -3.22
CA ALA A 187 3.85 28.89 -3.47
C ALA A 187 4.24 28.55 -4.90
N ALA A 188 3.80 27.37 -5.37
CA ALA A 188 4.02 26.95 -6.76
C ALA A 188 3.44 27.96 -7.72
N PHE A 189 2.21 28.41 -7.46
CA PHE A 189 1.54 29.40 -8.31
C PHE A 189 2.31 30.71 -8.32
N ILE A 190 2.91 31.08 -7.18
CA ILE A 190 3.72 32.30 -7.11
C ILE A 190 4.99 32.15 -7.95
N LEU A 191 5.62 30.98 -7.90
CA LEU A 191 6.82 30.74 -8.71
C LEU A 191 6.51 30.75 -10.21
N ILE A 192 5.42 30.08 -10.60
CA ILE A 192 4.98 30.09 -12.00
C ILE A 192 4.62 31.51 -12.44
N SER A 193 4.00 32.28 -11.54
CA SER A 193 3.67 33.68 -11.81
C SER A 193 4.93 34.51 -12.05
N VAL A 194 5.95 34.33 -11.21
CA VAL A 194 7.20 35.06 -11.35
C VAL A 194 7.90 34.71 -12.66
N ALA A 195 7.93 33.41 -13.00
CA ALA A 195 8.53 32.95 -14.26
C ALA A 195 7.84 33.55 -15.49
N TRP A 196 6.52 33.38 -15.59
CA TRP A 196 5.78 33.93 -16.73
C TRP A 196 5.79 35.45 -16.75
N THR A 197 5.74 36.09 -15.57
CA THR A 197 5.78 37.55 -15.50
C THR A 197 7.12 38.06 -16.00
N LEU A 198 8.21 37.38 -15.63
CA LEU A 198 9.53 37.82 -16.02
C LEU A 198 9.72 37.63 -17.52
N SER A 199 9.13 36.55 -18.07
CA SER A 199 9.18 36.32 -19.52
C SER A 199 8.42 37.42 -20.27
N VAL A 200 7.24 37.79 -19.77
CA VAL A 200 6.42 38.82 -20.41
C VAL A 200 7.12 40.17 -20.31
N LEU A 201 7.77 40.44 -19.17
CA LEU A 201 8.51 41.68 -18.96
C LEU A 201 9.70 41.77 -19.92
N ILE A 202 10.42 40.66 -20.09
CA ILE A 202 11.57 40.63 -21.01
C ILE A 202 11.10 40.84 -22.44
N SER A 203 9.92 40.31 -22.79
CA SER A 203 9.53 40.25 -24.20
C SER A 203 8.60 41.36 -24.67
N PHE A 204 7.40 41.47 -24.09
CA PHE A 204 6.37 42.35 -24.66
C PHE A 204 6.68 43.84 -24.53
N ILE A 205 7.20 44.30 -23.38
CA ILE A 205 7.53 45.72 -23.23
C ILE A 205 8.63 46.21 -24.18
N PRO A 206 9.79 45.52 -24.31
CA PRO A 206 10.80 46.06 -25.26
C PRO A 206 10.39 45.95 -26.71
N VAL A 207 9.70 44.87 -27.11
CA VAL A 207 9.31 44.70 -28.51
C VAL A 207 8.31 45.77 -28.91
N GLN A 208 7.30 46.01 -28.08
CA GLN A 208 6.31 47.05 -28.39
C GLN A 208 6.91 48.45 -28.29
N LEU A 209 7.90 48.64 -27.44
CA LEU A 209 8.58 49.93 -27.36
C LEU A 209 9.81 50.02 -28.27
N SER A 210 10.06 48.98 -29.08
CA SER A 210 11.19 48.90 -30.03
C SER A 210 12.54 49.12 -29.35
N TRP A 211 12.68 48.61 -28.12
CA TRP A 211 13.96 48.67 -27.43
C TRP A 211 14.98 47.71 -28.04
N HIS A 212 14.54 46.57 -28.56
CA HIS A 212 15.47 45.55 -29.02
C HIS A 212 16.08 45.83 -30.38
N LYS A 213 15.45 46.70 -31.18
CA LYS A 213 15.97 47.03 -32.50
C LYS A 213 17.30 47.78 -32.40
N ALA A 214 18.24 47.40 -33.26
CA ALA A 214 19.53 48.06 -33.32
C ALA A 214 19.38 49.47 -33.89
N LYS A 215 20.40 50.30 -33.64
CA LYS A 215 20.37 51.68 -34.09
C LYS A 215 20.60 51.73 -35.60
N PRO A 216 19.86 52.60 -36.33
CA PRO A 216 20.02 52.77 -37.78
C PRO A 216 21.38 53.35 -38.16
N ASN A 233 11.53 41.05 -44.83
CA ASN A 233 12.28 40.04 -44.12
C ASN A 233 12.06 40.20 -42.61
N CYS A 234 12.15 39.10 -41.87
CA CYS A 234 11.91 39.09 -40.43
C CYS A 234 13.21 39.02 -39.64
N ASP A 235 14.30 39.53 -40.20
CA ASP A 235 15.62 39.49 -39.56
C ASP A 235 15.81 40.76 -38.74
N SER A 236 15.24 40.74 -37.53
CA SER A 236 15.40 41.85 -36.61
C SER A 236 16.74 41.74 -35.92
N SER A 237 17.67 42.62 -36.29
CA SER A 237 18.99 42.65 -35.66
C SER A 237 18.87 43.22 -34.25
N LEU A 238 19.28 42.44 -33.26
CA LEU A 238 19.15 42.85 -31.86
C LEU A 238 20.25 43.83 -31.49
N SER A 239 19.90 44.82 -30.67
CA SER A 239 20.87 45.77 -30.16
C SER A 239 21.74 45.12 -29.10
N ARG A 240 22.82 45.81 -28.72
CA ARG A 240 23.80 45.26 -27.79
C ARG A 240 23.20 45.09 -26.39
N THR A 241 22.39 46.08 -25.98
CA THR A 241 21.93 46.17 -24.60
C THR A 241 20.84 45.14 -24.35
N TYR A 242 19.96 44.93 -25.32
CA TYR A 242 18.90 43.96 -25.12
C TYR A 242 19.42 42.55 -25.32
N ALA A 243 20.43 42.37 -26.18
CA ALA A 243 21.02 41.06 -26.37
C ALA A 243 21.65 40.58 -25.07
N ILE A 244 22.53 41.41 -24.49
CA ILE A 244 23.20 41.03 -23.25
C ILE A 244 22.19 40.89 -22.10
N SER A 245 21.22 41.82 -22.01
CA SER A 245 20.27 41.82 -20.90
C SER A 245 19.35 40.59 -20.96
N SER A 246 18.76 40.33 -22.14
CA SER A 246 17.88 39.19 -22.32
C SER A 246 18.64 37.88 -22.18
N SER A 247 19.89 37.83 -22.67
CA SER A 247 20.67 36.60 -22.53
C SER A 247 20.98 36.30 -21.08
N VAL A 248 21.38 37.33 -20.30
CA VAL A 248 21.66 37.14 -18.87
C VAL A 248 20.42 36.70 -18.10
N ILE A 249 19.31 37.45 -18.23
CA ILE A 249 18.15 37.16 -17.40
C ILE A 249 17.41 35.91 -17.89
N SER A 250 17.32 35.74 -19.22
CA SER A 250 16.70 34.55 -19.81
C SER A 250 17.51 33.29 -19.53
N PHE A 251 18.82 33.34 -19.77
CA PHE A 251 19.64 32.14 -19.84
C PHE A 251 20.71 32.08 -18.75
N TYR A 252 21.58 33.09 -18.62
CA TYR A 252 22.83 32.94 -17.89
C TYR A 252 22.63 32.86 -16.37
N ILE A 253 21.77 33.70 -15.80
CA ILE A 253 21.40 33.57 -14.38
C ILE A 253 20.60 32.27 -14.13
N PRO A 254 19.62 31.87 -14.96
CA PRO A 254 19.09 30.50 -14.80
C PRO A 254 20.10 29.37 -15.00
N VAL A 255 21.05 29.51 -15.92
CA VAL A 255 22.12 28.52 -16.04
C VAL A 255 22.97 28.46 -14.76
N ALA A 256 23.29 29.62 -14.18
CA ALA A 256 24.06 29.66 -12.93
C ALA A 256 23.30 28.96 -11.81
N ILE A 257 21.99 29.21 -11.72
CA ILE A 257 21.17 28.60 -10.67
C ILE A 257 21.06 27.10 -10.90
N MET A 258 20.89 26.69 -12.17
CA MET A 258 20.74 25.26 -12.50
C MET A 258 22.03 24.49 -12.21
N ILE A 259 23.19 25.04 -12.60
CA ILE A 259 24.44 24.32 -12.36
C ILE A 259 24.74 24.23 -10.87
N VAL A 260 24.48 25.30 -10.11
CA VAL A 260 24.70 25.28 -8.65
C VAL A 260 23.75 24.28 -7.99
N THR A 261 22.50 24.27 -8.45
CA THR A 261 21.46 23.40 -7.91
C THR A 261 21.74 21.92 -8.19
N TYR A 262 22.06 21.59 -9.46
CA TYR A 262 22.36 20.20 -9.78
C TYR A 262 23.70 19.76 -9.19
N THR A 263 24.66 20.68 -9.01
CA THR A 263 25.90 20.32 -8.34
C THR A 263 25.64 19.94 -6.88
N ARG A 264 24.80 20.72 -6.18
CA ARG A 264 24.45 20.34 -4.80
C ARG A 264 23.63 19.06 -4.76
N ILE A 265 22.77 18.84 -5.76
CA ILE A 265 21.98 17.62 -5.83
C ILE A 265 22.88 16.42 -6.08
N TYR A 266 23.93 16.61 -6.87
CA TYR A 266 24.87 15.53 -7.14
C TYR A 266 25.75 15.24 -5.94
N ARG A 267 26.05 16.25 -5.11
CA ARG A 267 26.73 15.99 -3.85
C ARG A 267 25.86 15.18 -2.90
N ILE A 268 24.56 15.52 -2.82
CA ILE A 268 23.65 14.79 -1.93
C ILE A 268 23.48 13.35 -2.43
N ALA A 269 23.35 13.18 -3.75
CA ALA A 269 23.20 11.88 -4.36
C ALA A 269 24.43 11.01 -4.12
N GLN A 270 25.63 11.55 -4.37
CA GLN A 270 26.87 10.86 -4.04
C GLN A 270 26.93 10.43 -2.58
N LYS A 271 26.53 11.32 -1.66
CA LYS A 271 26.59 10.99 -0.23
C LYS A 271 25.64 9.86 0.12
N GLN A 272 24.44 9.86 -0.49
CA GLN A 272 23.48 8.80 -0.22
C GLN A 272 23.90 7.48 -0.85
N ILE A 273 24.51 7.54 -2.05
CA ILE A 273 25.08 6.35 -2.67
C ILE A 273 26.23 5.79 -1.85
N ARG A 274 27.04 6.66 -1.24
CA ARG A 274 28.10 6.21 -0.34
C ARG A 274 27.54 5.50 0.88
N ARG A 275 26.44 6.01 1.45
CA ARG A 275 25.82 5.31 2.58
C ARG A 275 25.20 3.97 2.16
N ILE A 276 24.53 3.94 1.01
CA ILE A 276 23.91 2.70 0.53
C ILE A 276 24.98 1.67 0.18
N ALA A 277 26.04 2.11 -0.49
CA ALA A 277 27.15 1.24 -0.86
C ALA A 277 27.85 0.71 0.38
N ALA A 278 27.98 1.54 1.42
CA ALA A 278 28.61 1.09 2.67
C ALA A 278 27.81 -0.02 3.30
N LEU A 279 26.48 0.14 3.36
CA LEU A 279 25.64 -0.90 3.95
C LEU A 279 25.64 -2.17 3.08
N GLU A 280 25.62 -2.00 1.75
CA GLU A 280 25.62 -3.16 0.85
C GLU A 280 26.96 -3.91 0.92
N ARG A 281 28.07 -3.18 1.07
CA ARG A 281 29.36 -3.84 1.22
C ARG A 281 29.47 -4.54 2.56
N ALA A 282 28.82 -4.00 3.60
CA ALA A 282 28.75 -4.69 4.87
C ALA A 282 27.97 -6.00 4.75
N ALA A 283 26.88 -5.97 3.99
CA ALA A 283 26.08 -7.18 3.75
C ALA A 283 26.86 -8.22 2.94
N VAL A 284 27.54 -7.78 1.87
CA VAL A 284 28.32 -8.70 1.04
C VAL A 284 29.49 -9.28 1.84
N HIS A 285 30.15 -8.46 2.66
CA HIS A 285 31.19 -8.95 3.55
C HIS A 285 30.63 -9.98 4.53
N ALA A 286 29.41 -9.74 5.01
CA ALA A 286 28.77 -10.65 5.97
C ALA A 286 28.48 -12.00 5.34
N LYS A 287 28.06 -11.99 4.07
CA LYS A 287 27.80 -13.23 3.34
C LYS A 287 29.06 -14.08 3.20
N ASN A 288 30.22 -13.44 3.02
CA ASN A 288 31.48 -14.15 2.92
C ASN A 288 32.07 -14.42 4.30
N PHE A 312 28.58 0.79 -8.45
CA PHE A 312 28.96 1.66 -9.55
C PHE A 312 27.74 1.96 -10.43
N LYS A 313 26.76 1.07 -10.38
CA LYS A 313 25.53 1.24 -11.16
C LYS A 313 24.73 2.45 -10.69
N ARG A 314 24.64 2.66 -9.37
CA ARG A 314 23.90 3.79 -8.84
C ARG A 314 24.55 5.11 -9.25
N GLU A 315 25.88 5.18 -9.14
CA GLU A 315 26.61 6.40 -9.48
C GLU A 315 26.50 6.66 -10.99
N THR A 316 26.47 5.58 -11.77
CA THR A 316 26.28 5.70 -13.22
C THR A 316 24.90 6.24 -13.53
N LYS A 317 23.86 5.77 -12.81
CA LYS A 317 22.51 6.23 -13.07
C LYS A 317 22.34 7.70 -12.69
N VAL A 318 22.98 8.11 -11.58
CA VAL A 318 22.91 9.52 -11.14
C VAL A 318 23.61 10.41 -12.15
N LEU A 319 24.80 9.99 -12.62
CA LEU A 319 25.58 10.81 -13.52
C LEU A 319 24.89 10.86 -14.89
N LYS A 320 24.30 9.74 -15.31
CA LYS A 320 23.63 9.66 -16.60
C LYS A 320 22.39 10.54 -16.63
N THR A 321 21.58 10.50 -15.56
CA THR A 321 20.37 11.32 -15.52
C THR A 321 20.71 12.81 -15.46
N LEU A 322 21.60 13.19 -14.52
CA LEU A 322 22.00 14.59 -14.40
C LEU A 322 22.68 15.09 -15.66
N SER A 323 23.47 14.23 -16.31
CA SER A 323 24.18 14.60 -17.53
C SER A 323 23.22 14.77 -18.69
N VAL A 324 22.16 13.94 -18.76
CA VAL A 324 21.18 14.12 -19.83
C VAL A 324 20.39 15.42 -19.63
N ILE A 325 20.01 15.71 -18.37
CA ILE A 325 19.28 16.92 -18.03
C ILE A 325 20.10 18.17 -18.34
N MET A 326 21.34 18.23 -17.85
CA MET A 326 22.22 19.35 -18.15
C MET A 326 22.60 19.40 -19.63
N GLY A 327 23.01 18.26 -20.19
CA GLY A 327 23.58 18.21 -21.53
C GLY A 327 22.62 18.64 -22.62
N VAL A 328 21.38 18.14 -22.59
CA VAL A 328 20.42 18.49 -23.64
C VAL A 328 20.11 19.97 -23.61
N PHE A 329 19.89 20.52 -22.42
CA PHE A 329 19.58 21.94 -22.25
C PHE A 329 20.75 22.83 -22.67
N VAL A 330 21.95 22.53 -22.18
CA VAL A 330 23.12 23.36 -22.49
C VAL A 330 23.55 23.21 -23.94
N CYS A 331 23.52 21.99 -24.49
CA CYS A 331 23.83 21.76 -25.89
C CYS A 331 22.85 22.47 -26.83
N CYS A 332 21.55 22.39 -26.55
CA CYS A 332 20.57 23.11 -27.35
C CYS A 332 20.66 24.63 -27.24
N TRP A 333 20.80 25.17 -26.03
CA TRP A 333 20.73 26.63 -25.93
C TRP A 333 22.07 27.39 -25.90
N LEU A 334 23.18 26.77 -25.48
CA LEU A 334 24.44 27.49 -25.30
C LEU A 334 25.07 28.06 -26.58
N PRO A 335 25.06 27.38 -27.75
CA PRO A 335 25.60 28.04 -28.96
C PRO A 335 24.78 29.26 -29.35
N PHE A 336 23.46 29.18 -29.17
CA PHE A 336 22.60 30.28 -29.57
C PHE A 336 22.82 31.50 -28.68
N PHE A 337 23.03 31.29 -27.38
CA PHE A 337 23.18 32.45 -26.51
C PHE A 337 24.60 33.00 -26.55
N ILE A 338 25.61 32.15 -26.78
CA ILE A 338 26.96 32.66 -27.05
C ILE A 338 26.97 33.53 -28.31
N LEU A 339 26.38 33.02 -29.40
CA LEU A 339 26.33 33.82 -30.62
C LEU A 339 25.43 35.04 -30.46
N ASN A 340 24.35 34.91 -29.67
CA ASN A 340 23.42 36.00 -29.42
C ASN A 340 24.13 37.15 -28.71
N CYS A 341 25.06 36.82 -27.82
CA CYS A 341 25.84 37.85 -27.16
C CYS A 341 26.88 38.44 -28.11
N ILE A 342 27.62 37.57 -28.83
CA ILE A 342 28.72 38.02 -29.68
C ILE A 342 28.24 38.85 -30.87
N LEU A 343 27.10 38.48 -31.47
CA LEU A 343 26.71 39.00 -32.79
C LEU A 343 26.42 40.51 -32.87
N PRO A 344 25.80 41.18 -31.87
CA PRO A 344 25.62 42.64 -32.04
C PRO A 344 26.94 43.40 -31.97
N PHE A 345 27.86 42.95 -31.12
CA PHE A 345 29.18 43.55 -31.03
C PHE A 345 29.94 43.44 -32.34
N CYS A 346 29.90 42.28 -32.98
CA CYS A 346 30.50 42.09 -34.30
C CYS A 346 29.73 42.87 -35.35
N CYS A 355 32.05 37.71 -37.42
CA CYS A 355 30.60 37.62 -37.48
C CYS A 355 30.13 36.24 -37.95
N ILE A 356 28.82 36.02 -37.87
CA ILE A 356 28.21 34.73 -38.12
C ILE A 356 27.08 34.94 -39.13
N ASP A 357 26.97 34.02 -40.10
CA ASP A 357 25.94 34.11 -41.13
C ASP A 357 24.55 33.88 -40.54
N SER A 358 23.55 34.28 -41.31
CA SER A 358 22.15 34.18 -40.89
C SER A 358 21.67 32.74 -40.79
N ASN A 359 22.10 31.88 -41.73
CA ASN A 359 21.62 30.50 -41.76
C ASN A 359 22.11 29.69 -40.56
N THR A 360 23.37 29.87 -40.16
CA THR A 360 23.92 29.14 -39.03
C THR A 360 23.25 29.57 -37.72
N PHE A 361 23.02 30.87 -37.58
CA PHE A 361 22.29 31.38 -36.42
C PHE A 361 20.87 30.85 -36.40
N ASP A 362 20.23 30.72 -37.58
CA ASP A 362 18.93 30.07 -37.67
C ASP A 362 19.00 28.62 -37.19
N VAL A 363 20.08 27.91 -37.56
CA VAL A 363 20.21 26.49 -37.23
C VAL A 363 20.31 26.32 -35.72
N PHE A 364 21.07 27.20 -35.07
CA PHE A 364 21.20 27.17 -33.62
C PHE A 364 19.86 27.51 -32.96
N VAL A 365 19.11 28.43 -33.58
CA VAL A 365 17.80 28.81 -33.04
C VAL A 365 16.86 27.60 -33.11
N TRP A 366 16.99 26.81 -34.19
CA TRP A 366 16.20 25.58 -34.31
C TRP A 366 16.61 24.56 -33.25
N PHE A 367 17.90 24.50 -32.88
CA PHE A 367 18.31 23.58 -31.81
C PHE A 367 17.68 24.01 -30.48
N GLY A 368 17.61 25.34 -30.27
CA GLY A 368 16.96 25.88 -29.09
C GLY A 368 15.52 25.46 -29.02
N TRP A 369 14.78 25.63 -30.12
CA TRP A 369 13.39 25.19 -30.15
C TRP A 369 13.27 23.67 -30.06
N ALA A 370 14.30 22.93 -30.50
CA ALA A 370 14.30 21.48 -30.41
C ALA A 370 14.38 21.02 -28.96
N ASN A 371 14.89 21.90 -28.08
CA ASN A 371 14.95 21.52 -26.67
C ASN A 371 13.54 21.39 -26.11
N SER A 372 12.59 22.18 -26.61
CA SER A 372 11.20 22.07 -26.17
C SER A 372 10.61 20.74 -26.60
N SER A 373 11.06 20.22 -27.75
CA SER A 373 10.68 18.89 -28.19
C SER A 373 11.24 17.84 -27.23
N LEU A 374 12.51 17.98 -26.86
CA LEU A 374 13.13 16.97 -26.02
C LEU A 374 12.76 17.08 -24.54
N ASN A 375 12.09 18.16 -24.12
CA ASN A 375 11.78 18.37 -22.69
C ASN A 375 10.76 17.38 -22.11
N PRO A 376 9.66 16.98 -22.81
CA PRO A 376 8.79 15.95 -22.22
C PRO A 376 9.49 14.62 -22.00
N ILE A 377 10.39 14.22 -22.89
CA ILE A 377 11.12 12.95 -22.73
C ILE A 377 11.97 12.99 -21.47
N ILE A 378 12.53 14.15 -21.16
CA ILE A 378 13.43 14.28 -20.02
C ILE A 378 12.64 14.35 -18.72
N TYR A 379 11.75 15.35 -18.62
CA TYR A 379 11.07 15.65 -17.36
C TYR A 379 9.75 14.94 -17.15
N ALA A 380 9.15 14.35 -18.18
CA ALA A 380 7.82 13.76 -18.06
C ALA A 380 7.83 12.28 -18.43
N PHE A 381 8.85 11.56 -18.00
CA PHE A 381 8.83 10.10 -18.03
C PHE A 381 9.11 9.47 -16.67
N ASN A 382 8.41 9.95 -15.65
CA ASN A 382 8.30 9.20 -14.40
C ASN A 382 7.38 7.99 -14.61
N ALA A 383 7.29 7.15 -13.57
CA ALA A 383 6.41 5.98 -13.61
C ALA A 383 4.96 6.36 -13.84
N ASP A 384 4.51 7.44 -13.18
CA ASP A 384 3.12 7.88 -13.31
C ASP A 384 2.86 8.43 -14.71
N PHE A 385 3.82 9.18 -15.26
CA PHE A 385 3.67 9.72 -16.61
C PHE A 385 3.72 8.62 -17.66
N ARG A 386 4.61 7.62 -17.47
CA ARG A 386 4.62 6.44 -18.35
C ARG A 386 3.28 5.72 -18.35
N LYS A 387 2.73 5.45 -17.15
CA LYS A 387 1.42 4.80 -17.04
C LYS A 387 0.34 5.64 -17.71
N ALA A 388 0.37 6.97 -17.52
CA ALA A 388 -0.67 7.82 -18.08
C ALA A 388 -0.55 7.92 -19.59
N PHE A 389 0.66 7.82 -20.13
CA PHE A 389 0.86 7.88 -21.57
C PHE A 389 0.45 6.57 -22.21
N SER A 390 0.69 5.45 -21.52
CA SER A 390 0.27 4.16 -22.03
C SER A 390 -1.26 4.03 -22.00
N THR A 391 -1.89 4.55 -20.96
CA THR A 391 -3.35 4.56 -20.87
C THR A 391 -3.97 5.47 -21.93
N LEU A 392 -3.48 6.71 -22.05
CA LEU A 392 -4.03 7.66 -23.03
C LEU A 392 -3.78 7.23 -24.47
N LEU A 393 -2.55 6.81 -24.78
CA LEU A 393 -2.26 6.22 -26.09
C LEU A 393 -3.09 4.97 -26.34
N GLY A 394 -3.26 4.12 -25.34
CA GLY A 394 -3.99 2.88 -25.49
C GLY A 394 -3.16 1.69 -25.90
N CYS A 395 -1.85 1.88 -26.11
CA CYS A 395 -0.99 0.79 -26.55
C CYS A 395 -0.05 0.35 -25.43
N THR B 9 -37.27 23.23 -7.76
CA THR B 9 -38.08 24.03 -6.86
C THR B 9 -37.19 24.87 -5.94
N GLU B 10 -37.78 25.91 -5.34
CA GLU B 10 -37.05 26.81 -4.46
C GLU B 10 -36.59 26.10 -3.19
N ASP B 11 -37.44 25.23 -2.63
CA ASP B 11 -37.10 24.48 -1.42
C ASP B 11 -35.90 23.55 -1.66
N GLN B 12 -35.93 22.81 -2.78
CA GLN B 12 -34.79 21.98 -3.16
C GLN B 12 -33.52 22.81 -3.38
N ARG B 13 -33.67 24.04 -3.87
CA ARG B 13 -32.49 24.88 -4.10
C ARG B 13 -31.94 25.43 -2.79
N ASN B 14 -32.81 25.64 -1.80
CA ASN B 14 -32.35 26.01 -0.47
C ASN B 14 -31.65 24.85 0.22
N GLU B 15 -32.18 23.64 0.08
CA GLU B 15 -31.55 22.46 0.67
C GLU B 15 -30.20 22.17 0.01
N GLU B 16 -30.13 22.30 -1.31
CA GLU B 16 -28.86 22.16 -2.02
C GLU B 16 -27.85 23.23 -1.62
N LYS B 17 -28.30 24.49 -1.42
CA LYS B 17 -27.38 25.53 -0.98
C LYS B 17 -26.88 25.27 0.44
N ALA B 18 -27.76 24.78 1.33
CA ALA B 18 -27.34 24.48 2.70
C ALA B 18 -26.35 23.33 2.73
N GLN B 19 -26.58 22.31 1.89
CA GLN B 19 -25.65 21.20 1.77
C GLN B 19 -24.32 21.63 1.19
N ARG B 20 -24.35 22.59 0.26
CA ARG B 20 -23.10 23.10 -0.33
C ARG B 20 -22.33 23.95 0.66
N GLU B 21 -23.04 24.73 1.49
CA GLU B 21 -22.39 25.50 2.56
C GLU B 21 -21.72 24.58 3.58
N ALA B 22 -22.43 23.50 3.97
CA ALA B 22 -21.83 22.54 4.89
C ALA B 22 -20.65 21.82 4.25
N ASN B 23 -20.72 21.59 2.93
CA ASN B 23 -19.59 20.99 2.22
C ASN B 23 -18.38 21.91 2.19
N LYS B 24 -18.61 23.22 2.03
CA LYS B 24 -17.50 24.17 2.05
C LYS B 24 -16.87 24.28 3.44
N MET B 25 -17.70 24.21 4.49
CA MET B 25 -17.17 24.23 5.86
C MET B 25 -16.35 22.97 6.15
N ILE B 26 -16.80 21.82 5.64
CA ILE B 26 -16.10 20.57 5.86
C ILE B 26 -14.83 20.51 5.02
N GLU B 27 -14.87 21.06 3.81
CA GLU B 27 -13.66 21.22 2.99
C GLU B 27 -12.61 22.11 3.65
N LYS B 28 -13.04 23.23 4.27
CA LYS B 28 -12.09 24.06 5.02
C LYS B 28 -11.46 23.32 6.18
N GLN B 29 -12.28 22.57 6.94
CA GLN B 29 -11.76 21.77 8.05
C GLN B 29 -10.80 20.70 7.55
N LEU B 30 -11.12 20.06 6.42
CA LEU B 30 -10.24 19.07 5.83
C LEU B 30 -8.94 19.67 5.30
N GLN B 31 -8.97 20.94 4.84
CA GLN B 31 -7.71 21.56 4.41
C GLN B 31 -6.80 21.85 5.59
N LYS B 32 -7.38 22.27 6.73
CA LYS B 32 -6.57 22.50 7.92
C LYS B 32 -6.03 21.17 8.45
N ASP B 33 -6.85 20.13 8.37
CA ASP B 33 -6.44 18.81 8.82
C ASP B 33 -5.41 18.24 7.86
N LYS B 34 -5.48 18.61 6.57
CA LYS B 34 -4.52 18.13 5.59
C LYS B 34 -3.16 18.73 5.87
N GLN B 35 -3.15 20.02 6.29
CA GLN B 35 -1.89 20.66 6.68
C GLN B 35 -1.29 19.93 7.89
N VAL B 36 -2.13 19.62 8.88
CA VAL B 36 -1.65 18.96 10.09
C VAL B 36 -1.17 17.54 9.77
N TYR B 37 -1.89 16.84 8.88
CA TYR B 37 -1.58 15.46 8.54
C TYR B 37 -0.26 15.37 7.75
N ARG B 38 -0.08 16.28 6.79
CA ARG B 38 1.15 16.25 5.99
C ARG B 38 2.35 16.68 6.81
N ALA B 39 2.16 17.62 7.75
CA ALA B 39 3.27 18.05 8.59
C ALA B 39 3.72 16.93 9.52
N THR B 40 2.79 16.13 10.03
CA THR B 40 3.09 15.07 10.99
C THR B 40 3.65 13.84 10.28
N HIS B 41 4.68 13.22 10.89
CA HIS B 41 5.32 12.02 10.35
C HIS B 41 4.99 10.81 11.22
N ARG B 42 4.42 9.78 10.61
CA ARG B 42 3.99 8.57 11.32
C ARG B 42 5.15 7.58 11.42
N LEU B 43 5.39 7.06 12.62
CA LEU B 43 6.46 6.10 12.87
C LEU B 43 5.92 4.87 13.57
N LEU B 44 5.98 3.71 12.92
CA LEU B 44 5.50 2.48 13.55
C LEU B 44 6.57 1.86 14.44
N LEU B 45 6.39 1.92 15.76
CA LEU B 45 7.32 1.33 16.72
C LEU B 45 7.03 -0.17 16.90
N LEU B 46 7.95 -1.02 16.47
CA LEU B 46 7.81 -2.46 16.61
C LEU B 46 8.98 -3.02 17.41
N GLY B 47 8.69 -4.00 18.26
CA GLY B 47 9.73 -4.68 18.99
C GLY B 47 9.18 -5.86 19.76
N ALA B 48 10.03 -6.40 20.63
CA ALA B 48 9.66 -7.51 21.49
C ALA B 48 9.39 -7.02 22.92
N ASP B 49 8.93 -7.94 23.76
CA ASP B 49 8.60 -7.58 25.14
C ASP B 49 9.86 -7.34 25.98
N ASN B 50 10.90 -8.14 25.77
CA ASN B 50 12.14 -7.98 26.53
C ASN B 50 12.93 -6.75 26.09
N SER B 51 12.65 -6.23 24.90
CA SER B 51 13.38 -5.08 24.37
C SER B 51 12.95 -3.80 25.08
N GLY B 52 13.66 -2.71 24.76
CA GLY B 52 13.44 -1.44 25.40
C GLY B 52 12.85 -0.39 24.49
N LYS B 53 11.82 -0.77 23.72
CA LYS B 53 11.27 0.14 22.72
C LYS B 53 10.52 1.31 23.36
N SER B 54 9.89 1.10 24.52
CA SER B 54 9.25 2.18 25.26
C SER B 54 10.21 3.27 25.72
N THR B 55 11.51 2.99 25.78
CA THR B 55 12.50 3.88 26.39
C THR B 55 13.45 4.46 25.34
N ILE B 56 13.10 4.37 24.05
CA ILE B 56 13.99 4.85 23.00
C ILE B 56 14.01 6.38 22.98
N VAL B 57 12.84 7.00 22.87
CA VAL B 57 12.75 8.46 22.93
C VAL B 57 12.77 8.87 24.40
N LYS B 58 13.81 9.61 24.80
CA LYS B 58 14.01 9.90 26.22
C LYS B 58 13.44 11.25 26.61
N GLN B 59 13.98 12.33 26.04
CA GLN B 59 13.65 13.69 26.45
C GLN B 59 12.82 14.37 25.37
N MET B 60 12.05 15.39 25.79
CA MET B 60 11.24 16.25 24.92
C MET B 60 10.18 15.44 24.17
N ARG B 61 9.34 14.76 24.94
CA ARG B 61 8.29 13.90 24.39
C ARG B 61 7.00 14.07 25.18
N ILE B 62 5.87 13.86 24.51
CA ILE B 62 4.60 13.68 25.21
C ILE B 62 4.07 12.28 24.86
N TYR B 63 3.56 11.60 25.89
CA TYR B 63 3.17 10.19 25.85
C TYR B 63 1.66 10.09 26.06
N HIS B 64 0.96 9.57 25.06
CA HIS B 64 -0.48 9.37 25.12
C HIS B 64 -0.82 7.88 25.12
N VAL B 65 -1.76 7.49 25.97
CA VAL B 65 -2.15 6.09 26.09
C VAL B 65 -3.63 5.97 25.71
N ASN B 66 -3.91 5.44 24.52
CA ASN B 66 -5.25 4.97 24.21
C ASN B 66 -5.41 3.55 24.75
N SER B 67 -6.62 2.99 24.61
CA SER B 67 -6.89 1.68 25.18
C SER B 67 -6.16 0.56 24.44
N GLY B 68 -5.96 0.71 23.13
CA GLY B 68 -5.32 -0.34 22.36
C GLY B 68 -3.99 0.05 21.76
N ILE B 69 -3.58 1.31 21.91
CA ILE B 69 -2.38 1.80 21.24
C ILE B 69 -1.71 2.83 22.14
N PHE B 70 -0.38 2.87 22.08
CA PHE B 70 0.42 3.90 22.74
C PHE B 70 0.91 4.88 21.68
N GLU B 71 0.85 6.17 21.98
CA GLU B 71 1.36 7.15 21.05
C GLU B 71 2.44 7.97 21.73
N THR B 72 3.30 8.56 20.90
CA THR B 72 4.39 9.42 21.39
C THR B 72 4.58 10.55 20.37
N LYS B 73 4.12 11.74 20.73
CA LYS B 73 4.39 12.93 19.90
C LYS B 73 5.69 13.53 20.40
N PHE B 74 6.65 13.72 19.51
CA PHE B 74 7.73 14.63 19.80
C PHE B 74 8.11 15.48 18.60
N GLN B 75 8.63 16.67 18.89
CA GLN B 75 9.06 17.64 17.90
C GLN B 75 10.57 17.73 17.96
N VAL B 76 11.24 17.60 16.81
CA VAL B 76 12.70 17.59 16.88
C VAL B 76 13.30 18.94 16.49
N ASP B 77 13.20 19.31 15.21
CA ASP B 77 13.60 20.64 14.74
C ASP B 77 12.43 21.19 13.94
N LYS B 78 11.42 21.72 14.66
CA LYS B 78 10.15 22.19 14.10
C LYS B 78 9.47 21.12 13.23
N VAL B 79 9.68 19.84 13.55
CA VAL B 79 9.15 18.71 12.79
C VAL B 79 8.50 17.77 13.77
N ASN B 80 7.21 17.49 13.55
CA ASN B 80 6.40 16.68 14.46
C ASN B 80 6.42 15.21 14.03
N PHE B 81 6.81 14.34 14.96
CA PHE B 81 6.86 12.91 14.76
C PHE B 81 5.87 12.28 15.72
N HIS B 82 4.99 11.43 15.18
CA HIS B 82 3.96 10.74 15.95
C HIS B 82 4.30 9.26 15.81
N MET B 83 4.74 8.65 16.91
CA MET B 83 5.13 7.25 16.93
C MET B 83 4.04 6.42 17.59
N PHE B 84 3.65 5.33 16.92
CA PHE B 84 2.57 4.47 17.36
C PHE B 84 3.16 3.13 17.78
N ASP B 85 2.78 2.66 18.97
CA ASP B 85 3.22 1.37 19.49
C ASP B 85 1.98 0.52 19.73
N VAL B 86 1.95 -0.65 19.09
CA VAL B 86 0.78 -1.52 19.14
C VAL B 86 1.09 -2.68 20.06
N GLY B 87 0.71 -2.55 21.33
CA GLY B 87 1.13 -3.50 22.34
C GLY B 87 -0.02 -4.24 23.01
N ALA B 88 -1.25 -3.89 22.65
CA ALA B 88 -2.44 -4.48 23.25
C ALA B 88 -3.19 -5.38 22.27
N GLN B 89 -2.47 -6.02 21.36
CA GLN B 89 -3.06 -6.92 20.38
C GLN B 89 -2.53 -8.33 20.57
N ARG B 90 -3.16 -9.26 19.87
CA ARG B 90 -2.78 -10.66 19.91
C ARG B 90 -1.52 -10.85 19.07
N ASP B 91 -0.87 -12.01 19.25
CA ASP B 91 0.45 -12.26 18.66
C ASP B 91 0.38 -12.31 17.13
N GLU B 92 -0.74 -12.80 16.58
CA GLU B 92 -0.93 -12.78 15.13
C GLU B 92 -1.06 -11.34 14.65
N ARG B 93 -0.14 -10.93 13.77
CA ARG B 93 -0.06 -9.53 13.35
C ARG B 93 0.00 -9.36 11.84
N ARG B 94 -0.31 -10.41 11.08
CA ARG B 94 -0.21 -10.33 9.62
C ARG B 94 -1.30 -9.47 8.99
N LYS B 95 -2.37 -9.17 9.71
CA LYS B 95 -3.47 -8.39 9.16
C LYS B 95 -3.46 -6.93 9.58
N TRP B 96 -3.18 -6.63 10.84
CA TRP B 96 -3.16 -5.22 11.24
C TRP B 96 -1.91 -4.49 10.79
N ILE B 97 -0.87 -5.20 10.33
CA ILE B 97 0.32 -4.52 9.87
C ILE B 97 0.08 -3.84 8.52
N GLN B 98 -1.00 -4.23 7.83
CA GLN B 98 -1.34 -3.70 6.51
C GLN B 98 -1.77 -2.25 6.64
N CYS B 99 -2.28 -1.89 7.81
CA CYS B 99 -2.73 -0.54 8.11
C CYS B 99 -1.58 0.45 8.03
N PHE B 100 -0.34 0.00 8.27
CA PHE B 100 0.78 0.92 8.44
C PHE B 100 1.59 1.10 7.17
N ASN B 101 0.96 0.99 6.00
CA ASN B 101 1.69 1.27 4.77
C ASN B 101 1.93 2.77 4.57
N ASP B 102 1.10 3.62 5.18
CA ASP B 102 1.21 5.05 5.01
C ASP B 102 2.27 5.70 5.88
N VAL B 103 2.90 4.95 6.80
CA VAL B 103 3.86 5.55 7.71
C VAL B 103 5.15 5.87 6.96
N THR B 104 5.87 6.87 7.45
CA THR B 104 7.13 7.23 6.82
C THR B 104 8.22 6.22 7.12
N ALA B 105 8.18 5.60 8.30
CA ALA B 105 9.22 4.65 8.69
C ALA B 105 8.74 3.74 9.80
N ILE B 106 9.34 2.55 9.84
CA ILE B 106 9.02 1.58 10.88
C ILE B 106 10.26 1.46 11.76
N ILE B 107 10.14 1.89 13.01
CA ILE B 107 11.24 1.84 13.95
C ILE B 107 11.20 0.48 14.60
N PHE B 108 12.18 -0.36 14.29
CA PHE B 108 12.23 -1.72 14.83
C PHE B 108 13.35 -1.76 15.86
N VAL B 109 12.97 -1.98 17.12
CA VAL B 109 13.92 -2.00 18.22
C VAL B 109 14.13 -3.46 18.61
N VAL B 110 15.37 -3.91 18.56
CA VAL B 110 15.72 -5.29 18.86
C VAL B 110 16.72 -5.33 20.01
N ASP B 111 16.47 -6.21 20.98
CA ASP B 111 17.36 -6.41 22.11
C ASP B 111 18.47 -7.32 21.64
N SER B 112 19.66 -6.75 21.40
CA SER B 112 20.78 -7.54 20.90
C SER B 112 21.42 -8.38 21.99
N SER B 113 21.22 -8.02 23.27
CA SER B 113 21.79 -8.77 24.38
C SER B 113 21.25 -10.19 24.44
N ASP B 114 19.95 -10.35 24.22
CA ASP B 114 19.32 -11.67 24.28
C ASP B 114 19.69 -12.44 23.03
N TYR B 115 20.68 -13.35 23.16
CA TYR B 115 21.15 -14.12 22.03
C TYR B 115 20.16 -15.22 21.65
N ASN B 116 19.43 -15.75 22.63
CA ASN B 116 18.46 -16.81 22.36
C ASN B 116 17.31 -16.29 21.51
N ARG B 117 16.86 -15.06 21.76
CA ARG B 117 15.73 -14.48 21.06
C ARG B 117 16.15 -13.55 19.95
N LEU B 118 17.43 -13.54 19.58
CA LEU B 118 17.87 -12.67 18.49
C LEU B 118 17.44 -13.21 17.13
N GLN B 119 17.35 -14.54 16.99
CA GLN B 119 16.90 -15.12 15.74
C GLN B 119 15.41 -14.89 15.53
N GLU B 120 14.64 -14.84 16.62
CA GLU B 120 13.23 -14.48 16.55
C GLU B 120 13.07 -13.06 16.04
N ALA B 121 13.92 -12.16 16.53
CA ALA B 121 13.94 -10.78 16.04
C ALA B 121 14.33 -10.73 14.58
N LEU B 122 15.28 -11.57 14.16
CA LEU B 122 15.70 -11.58 12.76
C LEU B 122 14.57 -12.07 11.86
N ASN B 123 13.79 -13.04 12.35
CA ASN B 123 12.62 -13.53 11.63
C ASN B 123 11.56 -12.45 11.54
N ASP B 124 11.34 -11.72 12.64
CA ASP B 124 10.42 -10.59 12.65
C ASP B 124 10.85 -9.53 11.64
N PHE B 125 12.16 -9.27 11.56
CA PHE B 125 12.69 -8.29 10.62
C PHE B 125 12.45 -8.75 9.19
N LYS B 126 12.67 -10.05 8.94
CA LYS B 126 12.51 -10.61 7.60
C LYS B 126 11.05 -10.52 7.18
N SER B 127 10.14 -10.75 8.14
CA SER B 127 8.71 -10.69 7.89
C SER B 127 8.30 -9.27 7.54
N ILE B 128 8.75 -8.29 8.33
CA ILE B 128 8.38 -6.89 8.11
C ILE B 128 8.95 -6.41 6.78
N TRP B 129 10.21 -6.78 6.50
CA TRP B 129 10.93 -6.31 5.33
C TRP B 129 10.31 -6.86 4.05
N ASN B 130 10.09 -8.18 4.01
CA ASN B 130 9.58 -8.86 2.83
C ASN B 130 8.06 -8.76 2.66
N ASN B 131 7.38 -7.94 3.45
CA ASN B 131 5.96 -7.71 3.24
C ASN B 131 5.74 -7.03 1.90
N ARG B 132 4.64 -7.41 1.23
CA ARG B 132 4.27 -6.76 -0.01
C ARG B 132 3.88 -5.31 0.21
N TRP B 133 3.28 -5.01 1.36
CA TRP B 133 2.84 -3.65 1.66
C TRP B 133 3.85 -2.85 2.46
N LEU B 134 4.99 -3.43 2.83
CA LEU B 134 6.07 -2.68 3.46
C LEU B 134 7.28 -2.60 2.55
N ARG B 135 7.06 -2.69 1.23
CA ARG B 135 8.14 -2.54 0.25
C ARG B 135 8.56 -1.10 0.08
N THR B 136 7.66 -0.15 0.31
CA THR B 136 8.02 1.26 0.23
C THR B 136 8.68 1.73 1.52
N ILE B 137 8.23 1.21 2.66
CA ILE B 137 8.52 1.80 3.95
C ILE B 137 9.90 1.33 4.41
N SER B 138 10.73 2.28 4.82
CA SER B 138 12.06 2.02 5.33
C SER B 138 12.04 1.76 6.83
N VAL B 139 12.79 0.76 7.25
CA VAL B 139 12.86 0.35 8.65
C VAL B 139 14.08 1.02 9.27
N ILE B 140 13.85 1.72 10.38
CA ILE B 140 14.92 2.30 11.18
C ILE B 140 15.25 1.26 12.25
N LEU B 141 16.45 0.70 12.19
CA LEU B 141 16.84 -0.38 13.06
C LEU B 141 17.57 0.16 14.28
N PHE B 142 17.06 -0.13 15.47
CA PHE B 142 17.73 0.23 16.71
C PHE B 142 18.14 -1.04 17.42
N LEU B 143 19.45 -1.22 17.57
CA LEU B 143 20.03 -2.35 18.29
C LEU B 143 20.21 -1.84 19.72
N ASN B 144 19.26 -2.17 20.59
CA ASN B 144 19.23 -1.58 21.91
C ASN B 144 20.07 -2.39 22.89
N LYS B 145 20.36 -1.76 24.05
CA LYS B 145 21.08 -2.36 25.17
C LYS B 145 22.50 -2.78 24.78
N GLN B 146 23.27 -1.80 24.31
CA GLN B 146 24.66 -2.04 23.90
C GLN B 146 25.55 -2.33 25.10
N ASP B 147 25.31 -1.65 26.24
CA ASP B 147 26.09 -1.89 27.44
C ASP B 147 25.94 -3.32 27.95
N LEU B 148 24.74 -3.89 27.80
CA LEU B 148 24.55 -5.30 28.12
C LEU B 148 25.36 -6.19 27.18
N LEU B 149 25.49 -5.79 25.90
CA LEU B 149 26.30 -6.57 24.98
C LEU B 149 27.76 -6.51 25.39
N ALA B 150 28.22 -5.33 25.83
CA ALA B 150 29.60 -5.16 26.24
C ALA B 150 29.90 -6.06 27.43
N GLU B 151 28.99 -6.05 28.42
CA GLU B 151 29.22 -6.81 29.64
C GLU B 151 29.14 -8.30 29.35
N LYS B 152 28.20 -8.70 28.49
CA LYS B 152 28.00 -10.11 28.17
C LYS B 152 29.20 -10.67 27.40
N VAL B 153 29.68 -9.95 26.39
CA VAL B 153 30.79 -10.42 25.59
C VAL B 153 32.07 -10.45 26.41
N LEU B 154 32.34 -9.37 27.19
CA LEU B 154 33.54 -9.33 28.03
C LEU B 154 33.53 -10.43 29.09
N ALA B 155 32.38 -10.64 29.74
CA ALA B 155 32.25 -11.66 30.79
C ALA B 155 32.57 -13.06 30.26
N GLY B 156 32.07 -13.39 29.07
CA GLY B 156 32.37 -14.68 28.46
C GLY B 156 31.50 -15.83 28.89
N LYS B 157 30.47 -15.58 29.72
CA LYS B 157 29.62 -16.66 30.23
C LYS B 157 28.80 -17.30 29.11
N SER B 158 28.18 -16.50 28.25
CA SER B 158 27.40 -17.01 27.14
C SER B 158 28.17 -16.83 25.84
N LYS B 159 28.04 -17.82 24.95
CA LYS B 159 28.81 -17.87 23.71
C LYS B 159 27.88 -17.51 22.56
N ILE B 160 28.20 -16.41 21.85
CA ILE B 160 27.44 -16.03 20.67
C ILE B 160 27.67 -17.01 19.53
N GLU B 161 28.81 -17.71 19.53
CA GLU B 161 29.12 -18.68 18.47
C GLU B 161 28.16 -19.86 18.47
N ASP B 162 27.68 -20.26 19.65
CA ASP B 162 26.72 -21.35 19.77
C ASP B 162 25.42 -21.03 19.04
N TYR B 163 24.85 -19.87 19.32
CA TYR B 163 23.59 -19.46 18.68
C TYR B 163 23.79 -19.14 17.20
N PHE B 164 24.95 -18.59 16.84
CA PHE B 164 25.24 -18.24 15.45
C PHE B 164 26.58 -18.83 15.04
N PRO B 165 26.60 -19.87 14.20
CA PRO B 165 27.88 -20.45 13.77
C PRO B 165 28.69 -19.53 12.86
N GLU B 166 28.04 -18.58 12.18
CA GLU B 166 28.71 -17.74 11.19
C GLU B 166 29.68 -16.76 11.83
N PHE B 167 29.59 -16.54 13.15
CA PHE B 167 30.41 -15.56 13.84
C PHE B 167 31.88 -15.98 13.91
N ALA B 168 32.16 -17.29 13.83
CA ALA B 168 33.53 -17.78 13.91
C ALA B 168 34.35 -17.34 12.71
N ARG B 169 33.81 -17.50 11.50
CA ARG B 169 34.48 -17.05 10.29
C ARG B 169 34.26 -15.57 10.00
N TYR B 170 33.57 -14.86 10.88
CA TYR B 170 33.25 -13.45 10.67
C TYR B 170 34.43 -12.55 11.01
N THR B 171 34.60 -11.50 10.21
CA THR B 171 35.65 -10.52 10.39
C THR B 171 35.03 -9.12 10.50
N THR B 172 35.71 -8.25 11.26
CA THR B 172 35.23 -6.89 11.49
C THR B 172 35.19 -6.10 10.19
N PRO B 173 34.13 -5.34 9.93
CA PRO B 173 34.04 -4.57 8.68
C PRO B 173 34.96 -3.36 8.70
N GLU B 174 35.44 -3.02 7.49
CA GLU B 174 36.37 -1.89 7.34
C GLU B 174 35.67 -0.55 7.49
N ASP B 175 34.45 -0.42 6.97
CA ASP B 175 33.67 0.81 7.12
C ASP B 175 33.21 1.05 8.56
N ALA B 176 33.22 0.00 9.39
CA ALA B 176 32.80 0.10 10.78
C ALA B 176 33.73 1.01 11.58
N THR B 177 33.14 1.95 12.30
CA THR B 177 33.89 2.90 13.13
C THR B 177 33.56 2.64 14.59
N PRO B 178 34.49 2.08 15.37
CA PRO B 178 34.20 1.80 16.77
C PRO B 178 34.17 3.05 17.62
N GLU B 179 33.45 2.96 18.73
CA GLU B 179 33.39 4.03 19.72
C GLU B 179 34.68 4.03 20.54
N PRO B 180 34.98 5.12 21.25
CA PRO B 180 36.18 5.10 22.12
C PRO B 180 36.13 4.08 23.25
N GLY B 181 35.00 3.96 23.94
CA GLY B 181 34.89 2.96 24.99
C GLY B 181 34.43 1.60 24.48
N GLU B 182 35.24 0.97 23.62
CA GLU B 182 34.92 -0.34 23.09
C GLU B 182 36.17 -1.19 22.99
N ASP B 183 35.96 -2.50 22.84
CA ASP B 183 36.99 -3.51 22.67
C ASP B 183 36.78 -4.21 21.34
N PRO B 184 37.80 -4.93 20.81
CA PRO B 184 37.59 -5.67 19.55
C PRO B 184 36.52 -6.74 19.60
N ARG B 185 36.37 -7.45 20.73
CA ARG B 185 35.39 -8.51 20.84
C ARG B 185 33.96 -7.96 20.76
N VAL B 186 33.70 -6.90 21.54
CA VAL B 186 32.39 -6.28 21.59
C VAL B 186 32.05 -5.68 20.23
N THR B 187 33.07 -5.15 19.54
CA THR B 187 32.87 -4.56 18.22
C THR B 187 32.57 -5.64 17.19
N ARG B 188 33.22 -6.81 17.29
CA ARG B 188 32.90 -7.94 16.44
C ARG B 188 31.44 -8.36 16.61
N ALA B 189 31.02 -8.55 17.87
CA ALA B 189 29.66 -9.05 18.13
C ALA B 189 28.63 -8.04 17.67
N LYS B 190 28.86 -6.77 17.99
CA LYS B 190 27.94 -5.67 17.72
C LYS B 190 27.73 -5.52 16.21
N TYR B 191 28.84 -5.54 15.46
CA TYR B 191 28.74 -5.33 14.04
C TYR B 191 28.28 -6.60 13.35
N PHE B 192 28.46 -7.76 13.99
CA PHE B 192 27.98 -9.01 13.40
C PHE B 192 26.47 -9.05 13.45
N ILE B 193 25.88 -8.57 14.55
CA ILE B 193 24.42 -8.49 14.65
C ILE B 193 23.89 -7.48 13.63
N ARG B 194 24.55 -6.32 13.52
CA ARG B 194 24.16 -5.32 12.52
C ARG B 194 24.25 -5.90 11.11
N ASP B 195 25.32 -6.64 10.82
CA ASP B 195 25.51 -7.23 9.50
C ASP B 195 24.47 -8.29 9.20
N GLU B 196 24.05 -9.07 10.20
CA GLU B 196 22.98 -10.05 10.00
C GLU B 196 21.68 -9.36 9.58
N PHE B 197 21.34 -8.26 10.27
CA PHE B 197 20.12 -7.53 9.90
C PHE B 197 20.28 -6.89 8.52
N LEU B 198 21.47 -6.36 8.22
CA LEU B 198 21.67 -5.73 6.92
C LEU B 198 21.68 -6.76 5.81
N ARG B 199 22.12 -7.99 6.12
CA ARG B 199 22.18 -9.04 5.11
C ARG B 199 20.78 -9.45 4.73
N ILE B 200 19.90 -9.52 5.74
CA ILE B 200 18.50 -9.87 5.50
C ILE B 200 17.81 -8.74 4.73
N SER B 201 18.15 -7.49 5.06
CA SER B 201 17.50 -6.35 4.40
C SER B 201 17.99 -6.18 2.95
N THR B 202 19.30 -6.23 2.75
CA THR B 202 19.91 -6.09 1.43
C THR B 202 19.52 -7.23 0.49
N ALA B 203 19.58 -8.48 0.98
CA ALA B 203 19.43 -9.68 0.15
C ALA B 203 18.14 -9.70 -0.65
N SER B 204 17.00 -9.53 0.01
CA SER B 204 15.71 -9.83 -0.58
C SER B 204 14.94 -8.59 -1.01
N GLY B 205 15.33 -7.41 -0.53
CA GLY B 205 14.53 -6.21 -0.75
C GLY B 205 14.89 -5.48 -2.03
N ASP B 206 13.94 -4.68 -2.50
CA ASP B 206 14.11 -3.87 -3.69
C ASP B 206 14.79 -2.55 -3.34
N GLY B 207 14.96 -1.69 -4.35
CA GLY B 207 15.56 -0.38 -4.17
C GLY B 207 14.67 0.68 -3.55
N ARG B 208 13.47 0.34 -3.08
CA ARG B 208 12.51 1.33 -2.61
C ARG B 208 12.58 1.59 -1.11
N HIS B 209 13.30 0.76 -0.36
CA HIS B 209 13.38 0.97 1.08
C HIS B 209 14.69 0.41 1.60
N TYR B 210 15.28 1.10 2.58
CA TYR B 210 16.59 0.76 3.11
C TYR B 210 16.51 0.68 4.62
N CYS B 211 17.45 -0.08 5.20
CA CYS B 211 17.49 -0.29 6.63
C CYS B 211 18.59 0.56 7.24
N TYR B 212 18.22 1.41 8.21
CA TYR B 212 19.13 2.31 8.91
C TYR B 212 19.50 1.72 10.27
N PRO B 213 20.69 1.16 10.45
CA PRO B 213 20.99 0.53 11.74
C PRO B 213 21.69 1.49 12.71
N HIS B 214 21.18 1.58 13.93
CA HIS B 214 21.72 2.47 14.94
C HIS B 214 21.88 1.72 16.25
N PHE B 215 23.03 1.90 16.89
CA PHE B 215 23.28 1.33 18.21
C PHE B 215 22.79 2.32 19.26
N THR B 216 21.99 1.84 20.22
CA THR B 216 21.49 2.69 21.28
C THR B 216 21.53 1.95 22.61
N CYS B 217 21.44 2.71 23.69
CA CYS B 217 21.55 2.19 25.05
C CYS B 217 20.24 2.44 25.79
N SER B 218 20.20 1.99 27.05
CA SER B 218 19.05 2.23 27.91
C SER B 218 18.86 3.72 28.18
N VAL B 219 19.94 4.42 28.50
CA VAL B 219 19.91 5.86 28.72
C VAL B 219 20.66 6.50 27.56
N ASP B 220 19.91 7.09 26.62
CA ASP B 220 20.49 7.72 25.45
C ASP B 220 19.52 8.77 24.97
N THR B 221 19.97 10.04 24.96
CA THR B 221 19.12 11.16 24.63
C THR B 221 19.13 11.47 23.14
N GLU B 222 20.07 10.89 22.39
CA GLU B 222 20.30 11.28 21.00
C GLU B 222 19.36 10.58 20.02
N ASN B 223 18.41 9.78 20.50
CA ASN B 223 17.66 8.88 19.62
C ASN B 223 16.69 9.65 18.74
N ALA B 224 16.10 10.73 19.28
CA ALA B 224 15.20 11.58 18.49
C ALA B 224 15.96 12.22 17.33
N ARG B 225 17.21 12.61 17.57
CA ARG B 225 18.05 13.18 16.52
C ARG B 225 18.30 12.14 15.43
N ARG B 226 18.53 10.88 15.84
CA ARG B 226 18.81 9.81 14.90
C ARG B 226 17.60 9.52 14.03
N ILE B 227 16.41 9.50 14.64
CA ILE B 227 15.18 9.26 13.91
C ILE B 227 14.85 10.42 12.97
N PHE B 228 15.14 11.65 13.41
CA PHE B 228 15.03 12.83 12.54
C PHE B 228 15.93 12.72 11.32
N ASN B 229 17.19 12.34 11.54
CA ASN B 229 18.15 12.17 10.45
C ASN B 229 17.73 11.05 9.50
N ASP B 230 17.29 9.91 10.06
CA ASP B 230 16.84 8.80 9.23
C ASP B 230 15.60 9.15 8.42
N CYS B 231 14.61 9.83 9.02
CA CYS B 231 13.39 10.19 8.28
C CYS B 231 13.72 11.18 7.18
N ARG B 232 14.67 12.09 7.46
CA ARG B 232 15.11 13.05 6.46
C ARG B 232 15.77 12.34 5.29
N ASP B 233 16.63 11.36 5.59
CA ASP B 233 17.24 10.54 4.55
C ASP B 233 16.21 9.72 3.78
N ILE B 234 15.17 9.22 4.45
CA ILE B 234 14.15 8.41 3.78
C ILE B 234 13.37 9.25 2.77
N ILE B 235 13.04 10.49 3.14
CA ILE B 235 12.31 11.34 2.21
C ILE B 235 13.24 11.82 1.09
N GLN B 236 14.52 12.08 1.41
CA GLN B 236 15.47 12.47 0.37
C GLN B 236 15.67 11.35 -0.64
N ARG B 237 15.82 10.11 -0.18
CA ARG B 237 15.98 8.97 -1.08
C ARG B 237 14.71 8.75 -1.89
N MET B 238 13.54 8.96 -1.28
CA MET B 238 12.28 8.86 -1.99
C MET B 238 12.20 9.88 -3.13
N HIS B 239 12.60 11.12 -2.84
CA HIS B 239 12.61 12.17 -3.88
C HIS B 239 13.63 11.84 -4.97
N LEU B 240 14.84 11.40 -4.58
CA LEU B 240 15.87 11.04 -5.56
C LEU B 240 15.42 9.90 -6.46
N ARG B 241 14.73 8.90 -5.89
CA ARG B 241 14.22 7.81 -6.71
C ARG B 241 13.07 8.27 -7.60
N GLN B 242 12.25 9.20 -7.11
CA GLN B 242 11.16 9.76 -7.92
C GLN B 242 11.71 10.53 -9.12
N TYR B 243 12.83 11.22 -8.92
CA TYR B 243 13.51 11.98 -9.96
C TYR B 243 14.45 11.10 -10.79
N GLU B 244 14.41 9.78 -10.58
CA GLU B 244 15.17 8.76 -11.29
C GLU B 244 16.67 8.90 -11.13
N LEU B 245 17.13 9.53 -10.05
CA LEU B 245 18.55 9.62 -9.80
C LEU B 245 19.08 8.31 -9.23
N LEU B 246 18.63 7.94 -8.03
CA LEU B 246 18.93 6.64 -7.44
C LEU B 246 18.36 5.49 -8.27
N GLU C 16 -5.64 -38.89 26.72
CA GLU C 16 -6.74 -37.97 26.99
C GLU C 16 -6.95 -37.02 25.81
N LEU C 17 -5.91 -36.23 25.51
CA LEU C 17 -5.94 -35.36 24.34
C LEU C 17 -6.00 -36.15 23.05
N ASP C 18 -5.29 -37.28 22.99
CA ASP C 18 -5.26 -38.12 21.79
C ASP C 18 -6.64 -38.70 21.47
N GLN C 19 -7.36 -39.16 22.50
CA GLN C 19 -8.71 -39.69 22.32
C GLN C 19 -9.67 -38.61 21.81
N LEU C 20 -9.62 -37.42 22.41
CA LEU C 20 -10.47 -36.31 21.97
C LEU C 20 -10.15 -35.88 20.54
N ARG C 21 -8.86 -35.81 20.18
CA ARG C 21 -8.50 -35.50 18.79
C ARG C 21 -8.91 -36.60 17.83
N GLN C 22 -8.88 -37.87 18.27
CA GLN C 22 -9.35 -38.97 17.42
C GLN C 22 -10.84 -38.85 17.17
N GLU C 23 -11.62 -38.55 18.22
CA GLU C 23 -13.06 -38.38 18.07
C GLU C 23 -13.38 -37.16 17.22
N ALA C 24 -12.58 -36.10 17.33
CA ALA C 24 -12.73 -34.93 16.46
C ALA C 24 -12.44 -35.27 15.01
N GLU C 25 -11.43 -36.12 14.75
CA GLU C 25 -11.15 -36.55 13.39
C GLU C 25 -12.23 -37.47 12.84
N GLN C 26 -12.84 -38.30 13.69
CA GLN C 26 -13.96 -39.13 13.26
C GLN C 26 -15.20 -38.31 12.94
N LEU C 27 -15.50 -37.29 13.76
CA LEU C 27 -16.57 -36.34 13.43
C LEU C 27 -16.26 -35.56 12.16
N LYS C 28 -15.01 -35.13 11.98
CA LYS C 28 -14.58 -34.45 10.76
C LYS C 28 -14.79 -35.31 9.53
N ASN C 29 -14.43 -36.59 9.62
CA ASN C 29 -14.64 -37.53 8.51
C ASN C 29 -16.12 -37.75 8.25
N GLN C 30 -16.93 -37.83 9.31
CA GLN C 30 -18.38 -37.97 9.14
C GLN C 30 -19.00 -36.75 8.46
N ILE C 31 -18.52 -35.55 8.80
CA ILE C 31 -19.02 -34.33 8.17
C ILE C 31 -18.59 -34.28 6.70
N ARG C 32 -17.34 -34.65 6.42
CA ARG C 32 -16.86 -34.69 5.03
C ARG C 32 -17.61 -35.73 4.21
N ASP C 33 -17.95 -36.87 4.82
CA ASP C 33 -18.74 -37.90 4.14
C ASP C 33 -20.14 -37.39 3.82
N ALA C 34 -20.81 -36.77 4.80
CA ALA C 34 -22.12 -36.16 4.58
C ALA C 34 -22.07 -35.11 3.46
N ARG C 35 -21.00 -34.32 3.40
CA ARG C 35 -20.89 -33.29 2.36
C ARG C 35 -20.63 -33.93 0.99
N LYS C 36 -19.85 -35.00 0.94
CA LYS C 36 -19.66 -35.73 -0.31
C LYS C 36 -20.97 -36.34 -0.80
N ALA C 37 -21.72 -36.97 0.12
CA ALA C 37 -23.01 -37.58 -0.21
C ALA C 37 -23.99 -36.56 -0.76
N CYS C 38 -24.11 -35.41 -0.10
CA CYS C 38 -25.05 -34.37 -0.53
C CYS C 38 -24.69 -33.77 -1.89
N ALA C 39 -23.43 -33.88 -2.31
CA ALA C 39 -22.97 -33.31 -3.59
C ALA C 39 -23.43 -34.19 -4.74
N ASP C 40 -24.69 -34.00 -5.14
CA ASP C 40 -25.22 -34.73 -6.29
C ASP C 40 -24.61 -34.23 -7.59
N ALA C 41 -24.59 -32.91 -7.78
CA ALA C 41 -24.04 -32.31 -8.98
C ALA C 41 -23.62 -30.88 -8.66
N THR C 42 -22.53 -30.44 -9.28
CA THR C 42 -22.01 -29.11 -9.02
C THR C 42 -22.90 -28.04 -9.64
N LEU C 43 -22.66 -26.79 -9.22
CA LEU C 43 -23.43 -25.66 -9.74
C LEU C 43 -23.15 -25.42 -11.22
N SER C 44 -21.91 -25.64 -11.67
CA SER C 44 -21.54 -25.44 -13.07
C SER C 44 -22.30 -26.38 -14.00
N GLN C 45 -22.45 -27.65 -13.60
CA GLN C 45 -23.21 -28.63 -14.40
C GLN C 45 -24.67 -28.23 -14.52
N ILE C 46 -25.26 -27.75 -13.42
CA ILE C 46 -26.67 -27.39 -13.45
C ILE C 46 -26.88 -26.09 -14.21
N THR C 47 -25.91 -25.17 -14.15
CA THR C 47 -26.02 -23.89 -14.83
C THR C 47 -25.33 -23.84 -16.18
N ASN C 48 -24.97 -24.99 -16.76
CA ASN C 48 -24.51 -25.00 -18.15
C ASN C 48 -25.59 -24.49 -19.11
N ASN C 49 -26.84 -24.84 -18.87
CA ASN C 49 -27.93 -24.40 -19.75
C ASN C 49 -28.58 -23.10 -19.26
N ILE C 50 -27.75 -22.10 -19.02
CA ILE C 50 -28.18 -20.77 -18.55
C ILE C 50 -27.55 -19.73 -19.46
N ASP C 51 -28.35 -18.75 -19.86
CA ASP C 51 -27.89 -17.64 -20.70
C ASP C 51 -26.80 -16.87 -19.98
N PRO C 52 -25.59 -16.76 -20.54
CA PRO C 52 -24.53 -16.01 -19.86
C PRO C 52 -24.77 -14.52 -19.87
N VAL C 53 -24.09 -13.84 -18.95
CA VAL C 53 -24.22 -12.39 -18.82
C VAL C 53 -23.39 -11.66 -19.88
N GLY C 54 -22.23 -12.22 -20.23
CA GLY C 54 -21.38 -11.57 -21.22
C GLY C 54 -20.48 -10.50 -20.64
N ARG C 55 -20.63 -9.27 -21.11
CA ARG C 55 -19.75 -8.18 -20.74
C ARG C 55 -20.55 -7.09 -20.03
N ILE C 56 -20.05 -6.64 -18.89
CA ILE C 56 -20.68 -5.59 -18.09
C ILE C 56 -19.64 -4.49 -17.94
N GLN C 57 -19.69 -3.50 -18.83
CA GLN C 57 -18.82 -2.34 -18.73
C GLN C 57 -19.47 -1.31 -17.80
N MET C 58 -18.86 -1.08 -16.64
CA MET C 58 -19.29 -0.06 -15.71
C MET C 58 -18.24 1.03 -15.66
N ARG C 59 -18.70 2.28 -15.55
CA ARG C 59 -17.79 3.41 -15.55
C ARG C 59 -17.97 4.19 -14.25
N THR C 60 -16.93 4.96 -13.92
CA THR C 60 -16.88 5.80 -12.73
C THR C 60 -17.76 7.02 -12.95
N ARG C 61 -18.98 6.98 -12.42
CA ARG C 61 -19.87 8.11 -12.64
C ARG C 61 -19.48 9.32 -11.81
N ARG C 62 -19.12 9.10 -10.54
CA ARG C 62 -18.71 10.14 -9.61
C ARG C 62 -17.56 9.65 -8.74
N THR C 63 -16.60 10.54 -8.49
CA THR C 63 -15.43 10.24 -7.65
C THR C 63 -15.45 11.14 -6.43
N LEU C 64 -15.49 10.52 -5.25
CA LEU C 64 -15.44 11.25 -3.99
C LEU C 64 -13.99 11.40 -3.56
N ARG C 65 -13.49 12.63 -3.52
CA ARG C 65 -12.08 12.93 -3.32
C ARG C 65 -11.88 13.62 -1.97
N GLY C 66 -10.64 14.04 -1.72
CA GLY C 66 -10.35 14.77 -0.48
C GLY C 66 -10.28 13.91 0.76
N HIS C 67 -9.91 12.65 0.62
CA HIS C 67 -9.41 11.86 1.75
C HIS C 67 -7.90 12.00 1.84
N LEU C 68 -7.39 11.94 3.07
CA LEU C 68 -5.98 12.20 3.32
C LEU C 68 -5.16 10.92 3.37
N ALA C 69 -5.62 9.94 4.16
CA ALA C 69 -4.99 8.65 4.25
C ALA C 69 -5.80 7.66 3.43
N LYS C 70 -5.46 6.38 3.55
CA LYS C 70 -6.13 5.35 2.77
C LYS C 70 -7.52 5.06 3.32
N ILE C 71 -8.47 4.79 2.42
CA ILE C 71 -9.85 4.54 2.78
C ILE C 71 -9.99 3.05 3.05
N TYR C 72 -10.26 2.69 4.30
CA TYR C 72 -10.21 1.26 4.62
C TYR C 72 -11.57 0.56 4.46
N ALA C 73 -12.64 1.16 4.98
CA ALA C 73 -13.96 0.54 4.88
C ALA C 73 -15.01 1.56 4.48
N MET C 74 -16.16 1.06 4.02
CA MET C 74 -17.31 1.89 3.74
C MET C 74 -18.59 1.10 3.98
N HIS C 75 -19.69 1.84 4.13
CA HIS C 75 -21.02 1.24 4.27
C HIS C 75 -22.04 2.19 3.65
N TRP C 76 -23.03 1.63 2.97
CA TRP C 76 -24.11 2.40 2.38
C TRP C 76 -25.23 2.68 3.37
N GLY C 77 -26.31 3.28 2.87
CA GLY C 77 -27.54 3.45 3.62
C GLY C 77 -28.67 2.63 3.03
N THR C 78 -29.78 2.60 3.77
CA THR C 78 -30.97 1.91 3.28
C THR C 78 -31.74 2.70 2.24
N ASP C 79 -31.53 4.01 2.18
CA ASP C 79 -32.13 4.85 1.15
C ASP C 79 -31.18 5.13 0.00
N SER C 80 -29.98 4.54 0.03
CA SER C 80 -28.94 4.62 -1.00
C SER C 80 -28.42 6.05 -1.21
N ARG C 81 -28.67 6.94 -0.25
CA ARG C 81 -28.30 8.35 -0.37
C ARG C 81 -26.95 8.63 0.28
N LEU C 82 -26.85 8.39 1.60
CA LEU C 82 -25.65 8.66 2.36
C LEU C 82 -24.75 7.43 2.34
N LEU C 83 -23.44 7.66 2.29
CA LEU C 83 -22.50 6.55 2.46
C LEU C 83 -21.37 6.94 3.41
N VAL C 84 -21.17 6.14 4.45
CA VAL C 84 -20.09 6.40 5.39
C VAL C 84 -18.80 5.85 4.81
N SER C 85 -17.70 6.60 4.93
CA SER C 85 -16.39 6.05 4.62
C SER C 85 -15.46 6.36 5.78
N ALA C 86 -14.44 5.51 5.93
CA ALA C 86 -13.48 5.63 7.02
C ALA C 86 -12.05 5.68 6.47
N SER C 87 -11.22 6.53 7.06
CA SER C 87 -9.84 6.65 6.59
C SER C 87 -8.90 6.49 7.78
N GLN C 88 -7.60 6.44 7.48
CA GLN C 88 -6.59 6.16 8.50
C GLN C 88 -5.93 7.43 9.01
N ASP C 89 -6.48 8.59 8.69
CA ASP C 89 -6.06 9.85 9.29
C ASP C 89 -6.85 10.20 10.54
N GLY C 90 -7.87 9.41 10.87
CA GLY C 90 -8.79 9.76 11.91
C GLY C 90 -10.02 10.49 11.43
N LYS C 91 -10.48 10.21 10.21
CA LYS C 91 -11.66 10.86 9.65
C LYS C 91 -12.71 9.84 9.23
N LEU C 92 -13.94 10.09 9.67
CA LEU C 92 -15.11 9.31 9.29
C LEU C 92 -16.03 10.23 8.51
N ILE C 93 -16.01 10.13 7.18
CA ILE C 93 -16.69 11.08 6.32
C ILE C 93 -17.99 10.47 5.80
N ILE C 94 -19.12 11.01 6.26
CA ILE C 94 -20.43 10.63 5.74
C ILE C 94 -20.68 11.45 4.48
N TRP C 95 -20.72 10.76 3.34
CA TRP C 95 -20.86 11.32 2.01
C TRP C 95 -22.31 11.35 1.54
N ASP C 96 -22.53 12.09 0.46
CA ASP C 96 -23.72 12.02 -0.37
C ASP C 96 -23.29 11.52 -1.75
N SER C 97 -23.83 10.37 -2.16
CA SER C 97 -23.44 9.79 -3.43
C SER C 97 -23.96 10.60 -4.61
N TYR C 98 -25.08 11.31 -4.44
CA TYR C 98 -25.74 11.94 -5.58
C TYR C 98 -25.10 13.27 -5.95
N THR C 99 -24.85 14.14 -4.97
CA THR C 99 -24.38 15.48 -5.27
C THR C 99 -22.93 15.70 -4.84
N THR C 100 -22.17 14.61 -4.68
CA THR C 100 -20.74 14.53 -4.29
C THR C 100 -20.38 15.45 -3.10
N ASN C 101 -21.35 15.73 -2.24
CA ASN C 101 -21.15 16.62 -1.11
C ASN C 101 -20.85 15.82 0.15
N LYS C 102 -20.04 16.39 1.02
CA LYS C 102 -19.70 15.76 2.28
C LYS C 102 -20.76 16.18 3.29
N VAL C 103 -21.58 15.24 3.74
CA VAL C 103 -22.68 15.62 4.61
C VAL C 103 -22.21 15.71 6.05
N HIS C 104 -21.15 14.99 6.39
CA HIS C 104 -20.58 15.02 7.74
C HIS C 104 -19.13 14.58 7.64
N ALA C 105 -18.34 15.00 8.62
CA ALA C 105 -16.96 14.55 8.72
C ALA C 105 -16.58 14.54 10.19
N ILE C 106 -16.15 13.39 10.67
CA ILE C 106 -16.09 13.10 12.09
C ILE C 106 -14.63 12.93 12.45
N PRO C 107 -14.08 13.75 13.33
CA PRO C 107 -12.69 13.56 13.75
C PRO C 107 -12.63 12.49 14.83
N LEU C 108 -11.73 11.53 14.64
CA LEU C 108 -11.73 10.31 15.43
C LEU C 108 -10.62 10.38 16.47
N ARG C 109 -10.83 9.66 17.57
CA ARG C 109 -9.88 9.69 18.69
C ARG C 109 -8.59 8.97 18.31
N SER C 110 -8.70 7.76 17.78
CA SER C 110 -7.57 7.03 17.23
C SER C 110 -7.53 7.23 15.73
N SER C 111 -6.33 7.44 15.19
CA SER C 111 -6.19 7.63 13.75
C SER C 111 -6.44 6.34 12.99
N TRP C 112 -6.17 5.20 13.60
CA TRP C 112 -6.17 3.92 12.89
C TRP C 112 -7.54 3.28 13.06
N VAL C 113 -8.35 3.34 12.01
CA VAL C 113 -9.75 2.92 12.05
C VAL C 113 -9.97 1.91 10.93
N MET C 114 -10.42 0.72 11.30
CA MET C 114 -10.50 -0.40 10.37
C MET C 114 -11.92 -0.80 10.00
N THR C 115 -12.93 -0.06 10.45
CA THR C 115 -14.31 -0.39 10.11
C THR C 115 -15.18 0.85 10.23
N CYS C 116 -16.35 0.77 9.59
CA CYS C 116 -17.41 1.76 9.76
C CYS C 116 -18.73 1.20 9.27
N ALA C 117 -19.78 1.46 10.05
CA ALA C 117 -21.13 1.01 9.76
C ALA C 117 -22.06 2.21 9.77
N TYR C 118 -23.08 2.17 8.91
CA TYR C 118 -24.18 3.12 8.93
C TYR C 118 -25.43 2.40 9.41
N ALA C 119 -26.15 3.02 10.33
CA ALA C 119 -27.35 2.42 10.91
C ALA C 119 -28.47 2.38 9.87
N PRO C 120 -29.34 1.37 9.92
CA PRO C 120 -30.51 1.36 9.03
C PRO C 120 -31.48 2.51 9.26
N SER C 121 -31.61 2.99 10.50
CA SER C 121 -32.40 4.19 10.75
C SER C 121 -31.66 5.47 10.41
N GLY C 122 -30.33 5.39 10.24
CA GLY C 122 -29.53 6.58 9.99
C GLY C 122 -29.27 7.44 11.20
N ASN C 123 -29.67 6.99 12.39
CA ASN C 123 -29.46 7.79 13.60
C ASN C 123 -27.98 7.79 14.00
N TYR C 124 -27.33 6.62 13.97
CA TYR C 124 -25.99 6.46 14.47
C TYR C 124 -25.05 6.06 13.33
N VAL C 125 -23.75 6.15 13.61
CA VAL C 125 -22.67 5.67 12.72
C VAL C 125 -21.53 5.17 13.57
N ALA C 126 -21.04 3.96 13.28
CA ALA C 126 -20.08 3.28 14.14
C ALA C 126 -18.74 3.12 13.45
N CYS C 127 -17.67 3.22 14.22
CA CYS C 127 -16.32 2.99 13.73
C CYS C 127 -15.55 2.16 14.76
N GLY C 128 -14.32 1.82 14.43
CA GLY C 128 -13.50 0.98 15.29
C GLY C 128 -12.04 1.20 15.00
N GLY C 129 -11.25 0.13 15.10
CA GLY C 129 -9.86 0.21 14.73
C GLY C 129 -8.99 -0.52 15.73
N LEU C 130 -7.72 -0.11 15.76
CA LEU C 130 -6.69 -0.75 16.58
C LEU C 130 -6.80 -0.40 18.05
N ASP C 131 -7.63 0.56 18.43
CA ASP C 131 -7.78 0.99 19.81
C ASP C 131 -8.80 0.16 20.59
N ASN C 132 -9.16 -1.03 20.06
CA ASN C 132 -10.10 -2.05 20.55
C ASN C 132 -11.38 -1.49 21.17
N ILE C 133 -11.89 -0.41 20.59
CA ILE C 133 -13.08 0.29 21.05
C ILE C 133 -13.98 0.52 19.85
N CYS C 134 -15.26 0.15 19.97
CA CYS C 134 -16.25 0.47 18.96
C CYS C 134 -16.92 1.79 19.33
N SER C 135 -16.75 2.79 18.49
CA SER C 135 -17.17 4.15 18.80
C SER C 135 -18.46 4.40 18.02
N ILE C 136 -19.52 4.83 18.71
CA ILE C 136 -20.75 5.20 18.04
C ILE C 136 -20.92 6.71 18.09
N TYR C 137 -21.30 7.29 16.96
CA TYR C 137 -21.53 8.72 16.80
C TYR C 137 -22.99 8.96 16.46
N ASN C 138 -23.63 9.84 17.24
CA ASN C 138 -25.00 10.22 16.98
C ASN C 138 -25.05 11.17 15.79
N LEU C 139 -26.23 11.26 15.16
CA LEU C 139 -26.44 12.22 14.08
C LEU C 139 -27.73 13.00 14.30
N LYS C 140 -28.16 13.15 15.54
CA LYS C 140 -29.30 14.01 15.84
C LYS C 140 -28.94 15.47 15.68
N THR C 141 -27.77 15.86 16.21
CA THR C 141 -27.16 17.19 16.05
C THR C 141 -28.06 18.32 16.55
N ARG C 142 -28.56 18.17 17.78
CA ARG C 142 -29.35 19.24 18.39
C ARG C 142 -28.49 20.45 18.71
N GLU C 143 -27.18 20.27 18.92
CA GLU C 143 -26.25 21.37 19.01
C GLU C 143 -25.69 21.76 17.64
N GLY C 144 -25.49 20.79 16.76
CA GLY C 144 -24.92 21.02 15.45
C GLY C 144 -23.59 20.34 15.23
N ASN C 145 -22.92 19.89 16.29
CA ASN C 145 -21.66 19.17 16.20
C ASN C 145 -21.87 17.72 16.61
N VAL C 146 -21.31 16.79 15.85
CA VAL C 146 -21.38 15.38 16.20
C VAL C 146 -20.50 15.11 17.43
N ARG C 147 -20.93 14.15 18.24
CA ARG C 147 -20.25 13.81 19.47
C ARG C 147 -20.14 12.30 19.60
N VAL C 148 -19.17 11.85 20.38
CA VAL C 148 -19.05 10.43 20.71
C VAL C 148 -20.26 10.04 21.55
N SER C 149 -21.03 9.06 21.06
CA SER C 149 -22.28 8.76 21.75
C SER C 149 -22.06 7.70 22.81
N ARG C 150 -21.35 6.63 22.47
CA ARG C 150 -20.81 5.72 23.48
C ARG C 150 -19.62 4.97 22.88
N GLU C 151 -18.62 4.73 23.72
CA GLU C 151 -17.44 3.96 23.37
C GLU C 151 -17.57 2.57 23.99
N LEU C 152 -17.37 1.54 23.17
CA LEU C 152 -17.40 0.16 23.63
C LEU C 152 -15.98 -0.35 23.81
N ALA C 153 -15.61 -0.66 25.04
CA ALA C 153 -14.26 -1.13 25.39
C ALA C 153 -14.40 -2.46 26.10
N GLY C 154 -14.47 -3.54 25.34
CA GLY C 154 -14.53 -4.87 25.92
C GLY C 154 -13.80 -5.91 25.11
N HIS C 155 -13.09 -5.50 24.07
CA HIS C 155 -12.32 -6.40 23.23
C HIS C 155 -10.85 -6.34 23.57
N THR C 156 -10.16 -7.45 23.32
CA THR C 156 -8.70 -7.49 23.41
C THR C 156 -8.07 -7.19 22.06
N GLY C 157 -8.54 -7.85 21.01
CA GLY C 157 -7.98 -7.69 19.68
C GLY C 157 -8.52 -6.46 18.97
N TYR C 158 -8.02 -6.27 17.75
CA TYR C 158 -8.38 -5.10 16.94
C TYR C 158 -9.78 -5.29 16.36
N LEU C 159 -10.59 -4.23 16.41
CA LEU C 159 -11.90 -4.28 15.80
C LEU C 159 -11.76 -4.12 14.29
N SER C 160 -12.34 -5.05 13.55
CA SER C 160 -12.15 -5.16 12.11
C SER C 160 -13.42 -4.94 11.32
N CYS C 161 -14.57 -5.39 11.82
CA CYS C 161 -15.84 -5.05 11.19
C CYS C 161 -16.92 -4.88 12.25
N CYS C 162 -17.85 -3.98 11.96
CA CYS C 162 -19.05 -3.77 12.76
C CYS C 162 -20.22 -3.60 11.81
N ARG C 163 -21.40 -4.06 12.23
CA ARG C 163 -22.61 -3.94 11.43
C ARG C 163 -23.80 -3.80 12.36
N PHE C 164 -24.72 -2.89 12.01
CA PHE C 164 -25.87 -2.59 12.85
C PHE C 164 -27.00 -3.57 12.57
N LEU C 165 -27.47 -4.26 13.61
CA LEU C 165 -28.78 -4.89 13.54
C LEU C 165 -29.88 -3.83 13.56
N ASP C 166 -29.88 -3.01 14.60
CA ASP C 166 -30.75 -1.86 14.72
C ASP C 166 -30.02 -0.80 15.56
N ASP C 167 -30.77 0.17 16.09
CA ASP C 167 -30.18 1.11 17.03
C ASP C 167 -29.98 0.49 18.41
N ASN C 168 -30.55 -0.69 18.67
CA ASN C 168 -30.40 -1.33 19.97
C ASN C 168 -29.13 -2.19 20.02
N GLN C 169 -29.00 -3.13 19.10
CA GLN C 169 -27.96 -4.15 19.11
C GLN C 169 -27.00 -3.91 17.95
N ILE C 170 -25.69 -4.03 18.22
CA ILE C 170 -24.68 -3.98 17.16
C ILE C 170 -23.71 -5.17 17.27
N VAL C 171 -23.46 -5.81 16.13
CA VAL C 171 -22.60 -6.98 16.06
C VAL C 171 -21.22 -6.52 15.59
N THR C 172 -20.17 -6.96 16.27
CA THR C 172 -18.81 -6.49 16.02
C THR C 172 -17.85 -7.67 15.98
N SER C 173 -16.68 -7.43 15.39
CA SER C 173 -15.78 -8.49 14.94
C SER C 173 -14.36 -8.11 15.34
N SER C 174 -13.85 -8.69 16.42
CA SER C 174 -12.57 -8.28 16.97
C SER C 174 -11.45 -9.19 16.45
N GLY C 175 -10.23 -8.87 16.85
CA GLY C 175 -9.05 -9.64 16.52
C GLY C 175 -8.56 -10.58 17.59
N ASP C 176 -9.33 -10.78 18.66
CA ASP C 176 -9.01 -11.78 19.67
C ASP C 176 -9.81 -13.06 19.47
N THR C 177 -10.05 -13.41 18.20
CA THR C 177 -10.78 -14.61 17.75
C THR C 177 -12.21 -14.65 18.28
N THR C 178 -12.80 -13.48 18.54
CA THR C 178 -14.17 -13.39 19.05
C THR C 178 -14.99 -12.45 18.19
N CYS C 179 -16.31 -12.60 18.32
CA CYS C 179 -17.30 -11.67 17.80
C CYS C 179 -18.23 -11.31 18.95
N ALA C 180 -18.70 -10.07 19.01
CA ALA C 180 -19.59 -9.72 20.12
C ALA C 180 -20.89 -9.14 19.63
N LEU C 181 -21.95 -9.41 20.39
CA LEU C 181 -23.22 -8.71 20.27
C LEU C 181 -23.32 -7.73 21.42
N TRP C 182 -23.37 -6.44 21.09
CA TRP C 182 -23.34 -5.33 22.05
C TRP C 182 -24.72 -4.71 22.14
N ASP C 183 -25.08 -4.33 23.36
CA ASP C 183 -26.20 -3.42 23.60
C ASP C 183 -25.66 -2.00 23.61
N ILE C 184 -26.22 -1.15 22.74
CA ILE C 184 -25.70 0.21 22.58
C ILE C 184 -26.05 1.07 23.78
N GLU C 185 -27.30 0.98 24.25
CA GLU C 185 -27.74 1.76 25.41
C GLU C 185 -27.02 1.31 26.68
N THR C 186 -26.91 -0.01 26.88
CA THR C 186 -26.26 -0.52 28.08
C THR C 186 -24.75 -0.31 28.03
N GLY C 187 -24.12 -0.59 26.89
CA GLY C 187 -22.69 -0.49 26.78
C GLY C 187 -21.94 -1.78 27.03
N GLN C 188 -22.64 -2.90 27.17
CA GLN C 188 -22.05 -4.17 27.58
C GLN C 188 -22.37 -5.22 26.54
N GLN C 189 -21.56 -6.28 26.53
CA GLN C 189 -21.72 -7.34 25.54
C GLN C 189 -22.90 -8.21 25.91
N THR C 190 -23.93 -8.20 25.05
CA THR C 190 -25.04 -9.12 25.22
C THR C 190 -24.59 -10.55 25.00
N THR C 191 -23.83 -10.79 23.93
CA THR C 191 -23.45 -12.15 23.56
C THR C 191 -21.99 -12.12 23.13
N THR C 192 -21.31 -13.28 23.20
CA THR C 192 -19.90 -13.38 22.87
C THR C 192 -19.64 -14.71 22.15
N PHE C 193 -19.23 -14.59 20.90
CA PHE C 193 -18.98 -15.70 19.99
C PHE C 193 -17.49 -16.02 20.01
N THR C 194 -17.12 -17.19 20.54
CA THR C 194 -15.72 -17.53 20.80
C THR C 194 -15.25 -18.75 20.01
N GLY C 195 -15.96 -19.11 18.95
CA GLY C 195 -15.64 -20.34 18.23
C GLY C 195 -14.38 -20.25 17.39
N HIS C 196 -14.08 -19.06 16.86
CA HIS C 196 -12.97 -18.86 15.94
C HIS C 196 -11.61 -19.11 16.60
N THR C 197 -10.64 -19.50 15.78
CA THR C 197 -9.26 -19.68 16.20
C THR C 197 -8.31 -18.72 15.49
N GLY C 198 -8.84 -17.80 14.69
CA GLY C 198 -8.01 -16.83 13.99
C GLY C 198 -8.62 -15.45 14.06
N ASP C 199 -7.88 -14.48 13.51
CA ASP C 199 -8.36 -13.11 13.37
C ASP C 199 -9.63 -13.07 12.53
N VAL C 200 -10.73 -12.64 13.15
CA VAL C 200 -12.01 -12.62 12.46
C VAL C 200 -12.09 -11.34 11.64
N MET C 201 -12.16 -11.48 10.32
CA MET C 201 -11.87 -10.34 9.47
C MET C 201 -13.10 -9.47 9.19
N SER C 202 -14.17 -10.06 8.67
CA SER C 202 -15.41 -9.32 8.53
C SER C 202 -16.60 -10.24 8.71
N LEU C 203 -17.76 -9.63 8.93
CA LEU C 203 -19.02 -10.34 9.08
C LEU C 203 -20.07 -9.61 8.26
N SER C 204 -21.07 -10.35 7.79
CA SER C 204 -22.18 -9.78 7.03
C SER C 204 -23.47 -10.28 7.63
N LEU C 205 -24.29 -9.36 8.12
CA LEU C 205 -25.63 -9.71 8.61
C LEU C 205 -26.52 -10.20 7.48
N ALA C 206 -27.36 -11.17 7.78
CA ALA C 206 -28.40 -11.60 6.87
C ALA C 206 -29.52 -10.55 6.83
N PRO C 207 -30.32 -10.52 5.76
CA PRO C 207 -31.45 -9.57 5.73
C PRO C 207 -32.50 -9.81 6.80
N ASP C 208 -32.82 -11.07 7.12
CA ASP C 208 -33.76 -11.33 8.21
C ASP C 208 -33.12 -11.06 9.58
N THR C 209 -31.79 -11.00 9.64
CA THR C 209 -30.94 -10.64 10.79
C THR C 209 -30.99 -11.66 11.93
N ARG C 210 -31.58 -12.84 11.70
CA ARG C 210 -31.51 -13.89 12.71
C ARG C 210 -30.13 -14.54 12.75
N LEU C 211 -29.50 -14.68 11.58
CA LEU C 211 -28.21 -15.36 11.45
C LEU C 211 -27.18 -14.40 10.89
N PHE C 212 -25.91 -14.70 11.12
CA PHE C 212 -24.85 -13.96 10.44
C PHE C 212 -23.61 -14.82 10.28
N VAL C 213 -22.87 -14.57 9.21
CA VAL C 213 -21.69 -15.36 8.88
C VAL C 213 -20.48 -14.48 9.16
N SER C 214 -19.38 -15.13 9.57
CA SER C 214 -18.18 -14.39 9.92
C SER C 214 -16.96 -15.12 9.37
N GLY C 215 -16.30 -14.49 8.41
CA GLY C 215 -15.04 -15.02 7.91
C GLY C 215 -13.92 -14.76 8.91
N ALA C 216 -12.93 -15.65 8.92
CA ALA C 216 -11.75 -15.40 9.73
C ALA C 216 -10.51 -15.85 8.98
N CYS C 217 -9.38 -15.78 9.67
CA CYS C 217 -8.09 -16.19 9.16
C CYS C 217 -7.77 -17.65 9.45
N ASP C 218 -8.74 -18.43 9.93
CA ASP C 218 -8.57 -19.86 10.11
C ASP C 218 -9.08 -20.67 8.92
N ALA C 219 -9.21 -20.04 7.75
CA ALA C 219 -9.70 -20.63 6.50
C ALA C 219 -11.10 -21.23 6.66
N SER C 220 -11.91 -20.66 7.54
CA SER C 220 -13.25 -21.16 7.76
C SER C 220 -14.18 -19.99 8.04
N ALA C 221 -15.42 -20.14 7.58
CA ALA C 221 -16.48 -19.15 7.79
C ALA C 221 -17.48 -19.77 8.76
N LYS C 222 -17.90 -19.02 9.78
CA LYS C 222 -18.87 -19.57 10.71
C LYS C 222 -20.23 -18.92 10.54
N LEU C 223 -21.27 -19.76 10.56
CA LEU C 223 -22.66 -19.32 10.59
C LEU C 223 -23.11 -19.33 12.05
N TRP C 224 -23.37 -18.13 12.58
CA TRP C 224 -23.69 -17.87 13.98
C TRP C 224 -25.17 -17.50 14.11
N ASP C 225 -25.85 -18.16 15.03
CA ASP C 225 -27.20 -17.73 15.43
C ASP C 225 -27.07 -16.60 16.44
N VAL C 226 -27.75 -15.48 16.19
CA VAL C 226 -27.67 -14.32 17.07
C VAL C 226 -28.32 -14.63 18.42
N ARG C 227 -29.56 -15.11 18.40
CA ARG C 227 -30.30 -15.36 19.63
C ARG C 227 -29.69 -16.50 20.43
N GLU C 228 -29.24 -17.56 19.76
CA GLU C 228 -28.76 -18.75 20.46
C GLU C 228 -27.36 -18.53 21.03
N GLY C 229 -26.51 -17.78 20.32
CA GLY C 229 -25.18 -17.48 20.79
C GLY C 229 -24.11 -18.47 20.43
N MET C 230 -24.42 -19.47 19.62
CA MET C 230 -23.45 -20.48 19.17
C MET C 230 -23.40 -20.46 17.65
N CYS C 231 -22.40 -21.13 17.09
CA CYS C 231 -22.27 -21.21 15.65
C CYS C 231 -23.05 -22.43 15.15
N ARG C 232 -24.01 -22.17 14.27
CA ARG C 232 -24.75 -23.26 13.65
C ARG C 232 -23.85 -24.05 12.72
N GLN C 233 -23.09 -23.37 11.86
CA GLN C 233 -22.30 -24.10 10.87
C GLN C 233 -20.86 -23.61 10.80
N THR C 234 -20.02 -24.45 10.19
CA THR C 234 -18.62 -24.15 9.92
C THR C 234 -18.27 -24.53 8.49
N PHE C 235 -17.64 -23.61 7.77
CA PHE C 235 -17.35 -23.72 6.34
C PHE C 235 -15.83 -23.76 6.17
N THR C 236 -15.29 -24.96 5.99
CA THR C 236 -13.86 -25.15 5.82
C THR C 236 -13.55 -25.44 4.34
N GLY C 237 -13.62 -24.37 3.55
CA GLY C 237 -13.38 -24.49 2.12
C GLY C 237 -12.14 -23.78 1.61
N HIS C 238 -11.82 -22.62 2.20
CA HIS C 238 -10.72 -21.82 1.71
C HIS C 238 -9.37 -22.37 2.13
N GLU C 239 -8.34 -21.89 1.44
CA GLU C 239 -6.96 -22.30 1.66
C GLU C 239 -6.15 -21.24 2.39
N SER C 240 -6.74 -20.09 2.71
CA SER C 240 -6.02 -18.98 3.31
C SER C 240 -7.02 -18.10 4.06
N ASP C 241 -6.58 -16.90 4.41
CA ASP C 241 -7.35 -16.01 5.28
C ASP C 241 -8.54 -15.41 4.54
N ILE C 242 -9.74 -15.66 5.04
CA ILE C 242 -10.99 -15.17 4.44
C ILE C 242 -11.10 -13.68 4.81
N ASN C 243 -10.68 -12.80 3.90
CA ASN C 243 -10.68 -11.37 4.18
C ASN C 243 -12.09 -10.79 4.26
N ALA C 244 -12.96 -11.15 3.32
CA ALA C 244 -14.31 -10.61 3.30
C ALA C 244 -15.35 -11.70 3.14
N ILE C 245 -16.58 -11.36 3.56
CA ILE C 245 -17.71 -12.27 3.51
C ILE C 245 -18.96 -11.45 3.18
N CYS C 246 -19.87 -12.04 2.39
CA CYS C 246 -21.10 -11.35 2.00
C CYS C 246 -22.22 -12.35 1.73
N PHE C 247 -23.34 -12.22 2.44
CA PHE C 247 -24.51 -13.06 2.18
C PHE C 247 -25.08 -12.84 0.79
N PHE C 248 -25.62 -13.92 0.22
CA PHE C 248 -26.50 -13.83 -0.92
C PHE C 248 -27.78 -13.12 -0.47
N PRO C 249 -28.44 -12.36 -1.36
CA PRO C 249 -29.61 -11.56 -0.94
C PRO C 249 -30.80 -12.36 -0.39
N ASN C 250 -30.95 -13.64 -0.75
CA ASN C 250 -32.01 -14.42 -0.12
C ASN C 250 -31.66 -14.82 1.31
N GLY C 251 -30.38 -14.90 1.65
CA GLY C 251 -29.93 -15.31 2.96
C GLY C 251 -29.64 -16.78 3.10
N ASN C 252 -29.76 -17.56 2.03
CA ASN C 252 -29.51 -19.00 2.08
C ASN C 252 -28.08 -19.36 1.67
N ALA C 253 -27.35 -18.47 1.02
CA ALA C 253 -25.99 -18.71 0.60
C ALA C 253 -25.14 -17.49 0.95
N PHE C 254 -23.82 -17.63 0.79
CA PHE C 254 -22.92 -16.51 1.06
C PHE C 254 -21.57 -16.73 0.40
N ALA C 255 -21.00 -15.64 -0.11
CA ALA C 255 -19.74 -15.69 -0.84
C ALA C 255 -18.63 -15.15 0.07
N THR C 256 -17.40 -15.52 -0.27
CA THR C 256 -16.24 -15.24 0.56
C THR C 256 -15.03 -15.07 -0.35
N GLY C 257 -14.03 -14.38 0.14
CA GLY C 257 -12.96 -13.89 -0.70
C GLY C 257 -11.70 -14.03 0.13
N SER C 258 -10.63 -14.57 -0.43
CA SER C 258 -9.48 -14.85 0.42
C SER C 258 -8.19 -14.39 -0.25
N ASP C 259 -7.09 -14.59 0.47
CA ASP C 259 -5.75 -14.23 -0.01
C ASP C 259 -5.21 -15.22 -1.03
N ASP C 260 -5.86 -16.37 -1.23
CA ASP C 260 -5.45 -17.34 -2.24
C ASP C 260 -6.05 -17.06 -3.62
N ALA C 261 -6.48 -15.81 -3.86
CA ALA C 261 -7.06 -15.34 -5.12
C ALA C 261 -8.37 -16.06 -5.48
N THR C 262 -9.08 -16.58 -4.49
CA THR C 262 -10.31 -17.31 -4.74
C THR C 262 -11.47 -16.70 -3.97
N CYS C 263 -12.61 -16.60 -4.66
CA CYS C 263 -13.91 -16.39 -4.04
C CYS C 263 -14.64 -17.72 -4.01
N ARG C 264 -15.33 -17.99 -2.92
CA ARG C 264 -16.12 -19.21 -2.85
C ARG C 264 -17.56 -18.85 -2.52
N LEU C 265 -18.49 -19.61 -3.08
CA LEU C 265 -19.90 -19.52 -2.73
C LEU C 265 -20.25 -20.78 -1.95
N PHE C 266 -20.75 -20.58 -0.72
CA PHE C 266 -21.13 -21.62 0.22
C PHE C 266 -22.64 -21.59 0.45
N ASP C 267 -23.27 -22.76 0.40
CA ASP C 267 -24.67 -22.88 0.79
C ASP C 267 -24.77 -23.08 2.29
N LEU C 268 -25.73 -22.41 2.92
CA LEU C 268 -26.01 -22.70 4.32
C LEU C 268 -26.71 -24.05 4.46
N ARG C 269 -27.60 -24.38 3.54
CA ARG C 269 -28.34 -25.64 3.62
C ARG C 269 -27.43 -26.84 3.34
N ALA C 270 -26.66 -26.78 2.25
CA ALA C 270 -25.79 -27.91 1.90
C ALA C 270 -24.56 -27.98 2.80
N ASP C 271 -24.15 -26.84 3.38
CA ASP C 271 -23.03 -26.72 4.32
C ASP C 271 -21.71 -27.13 3.66
N GLN C 272 -21.52 -26.69 2.41
CA GLN C 272 -20.30 -26.95 1.65
C GLN C 272 -20.25 -25.94 0.51
N GLU C 273 -19.11 -25.93 -0.19
CA GLU C 273 -18.83 -24.90 -1.17
C GLU C 273 -19.54 -25.21 -2.49
N LEU C 274 -20.48 -24.35 -2.85
CA LEU C 274 -21.21 -24.52 -4.11
C LEU C 274 -20.30 -24.25 -5.30
N MET C 275 -19.51 -23.18 -5.23
CA MET C 275 -18.73 -22.80 -6.40
C MET C 275 -17.44 -22.09 -6.00
N THR C 276 -16.42 -22.21 -6.85
CA THR C 276 -15.14 -21.55 -6.65
C THR C 276 -14.85 -20.64 -7.84
N TYR C 277 -14.53 -19.38 -7.54
CA TYR C 277 -14.28 -18.31 -8.48
C TYR C 277 -12.77 -18.07 -8.42
N SER C 278 -12.05 -18.68 -9.36
CA SER C 278 -10.59 -18.57 -9.41
C SER C 278 -10.17 -18.41 -10.85
N HIS C 279 -9.15 -17.58 -11.08
CA HIS C 279 -8.61 -17.36 -12.41
C HIS C 279 -7.10 -17.54 -12.36
N ASP C 280 -6.53 -18.10 -13.43
CA ASP C 280 -5.11 -18.43 -13.45
C ASP C 280 -4.22 -17.19 -13.47
N ASN C 281 -4.67 -16.12 -14.11
CA ASN C 281 -3.88 -14.90 -14.20
C ASN C 281 -3.93 -14.07 -12.92
N ILE C 282 -4.67 -14.50 -11.90
CA ILE C 282 -4.77 -13.76 -10.65
C ILE C 282 -4.04 -14.54 -9.57
N ILE C 283 -3.04 -13.90 -8.97
CA ILE C 283 -2.33 -14.45 -7.82
C ILE C 283 -2.52 -13.60 -6.57
N CYS C 284 -3.20 -12.46 -6.68
CA CYS C 284 -3.36 -11.51 -5.60
C CYS C 284 -4.64 -11.74 -4.82
N GLY C 285 -4.61 -11.36 -3.54
CA GLY C 285 -5.73 -11.61 -2.63
C GLY C 285 -6.98 -10.81 -2.99
N ILE C 286 -8.06 -11.13 -2.26
CA ILE C 286 -9.35 -10.50 -2.47
C ILE C 286 -9.73 -9.77 -1.19
N THR C 287 -9.61 -8.45 -1.23
CA THR C 287 -9.85 -7.65 -0.03
C THR C 287 -11.33 -7.55 0.31
N SER C 288 -12.19 -7.28 -0.68
CA SER C 288 -13.63 -7.20 -0.39
C SER C 288 -14.51 -7.85 -1.45
N VAL C 289 -15.59 -8.48 -0.98
CA VAL C 289 -16.62 -9.10 -1.82
C VAL C 289 -17.98 -8.52 -1.42
N SER C 290 -18.78 -8.13 -2.42
CA SER C 290 -20.16 -7.72 -2.17
C SER C 290 -21.07 -8.14 -3.31
N PHE C 291 -22.14 -8.87 -3.01
CA PHE C 291 -23.12 -9.23 -4.03
C PHE C 291 -23.92 -8.02 -4.50
N SER C 292 -24.55 -8.18 -5.66
CA SER C 292 -25.52 -7.23 -6.17
C SER C 292 -26.89 -7.51 -5.57
N LYS C 293 -27.91 -6.80 -6.06
CA LYS C 293 -29.25 -6.94 -5.52
C LYS C 293 -29.87 -8.27 -5.93
N SER C 294 -29.72 -8.66 -7.20
CA SER C 294 -30.21 -9.96 -7.64
C SER C 294 -29.34 -11.10 -7.15
N GLY C 295 -28.03 -10.86 -7.05
CA GLY C 295 -27.09 -11.91 -6.73
C GLY C 295 -26.48 -12.59 -7.93
N ARG C 296 -26.83 -12.17 -9.14
CA ARG C 296 -26.27 -12.79 -10.34
C ARG C 296 -24.82 -12.41 -10.55
N LEU C 297 -24.47 -11.16 -10.26
CA LEU C 297 -23.10 -10.69 -10.34
C LEU C 297 -22.50 -10.70 -8.94
N LEU C 298 -21.32 -11.30 -8.80
CA LEU C 298 -20.53 -11.22 -7.59
C LEU C 298 -19.36 -10.27 -7.82
N LEU C 299 -19.35 -9.16 -7.09
CA LEU C 299 -18.35 -8.12 -7.27
C LEU C 299 -17.24 -8.37 -6.26
N ALA C 300 -16.01 -8.54 -6.74
CA ALA C 300 -14.89 -8.90 -5.89
C ALA C 300 -13.76 -7.90 -6.02
N GLY C 301 -13.44 -7.23 -4.91
CA GLY C 301 -12.38 -6.24 -4.91
C GLY C 301 -11.06 -6.95 -4.68
N TYR C 302 -10.15 -6.88 -5.64
CA TYR C 302 -8.92 -7.64 -5.61
C TYR C 302 -7.75 -6.81 -5.07
N ASP C 303 -6.58 -7.44 -5.01
CA ASP C 303 -5.36 -6.83 -4.49
C ASP C 303 -4.46 -6.32 -5.62
N ASP C 304 -4.70 -6.74 -6.86
CA ASP C 304 -3.95 -6.25 -8.01
C ASP C 304 -4.60 -5.04 -8.66
N PHE C 305 -5.26 -4.21 -7.83
CA PHE C 305 -5.66 -2.81 -8.09
C PHE C 305 -6.91 -2.69 -8.94
N ASN C 306 -7.69 -3.76 -9.10
CA ASN C 306 -8.95 -3.69 -9.85
C ASN C 306 -9.99 -4.59 -9.18
N CYS C 307 -11.21 -4.52 -9.71
CA CYS C 307 -12.34 -5.29 -9.20
C CYS C 307 -12.93 -6.13 -10.31
N ASN C 308 -13.19 -7.39 -10.03
CA ASN C 308 -13.75 -8.29 -11.04
C ASN C 308 -15.22 -8.58 -10.78
N VAL C 309 -16.01 -8.54 -11.86
CA VAL C 309 -17.43 -8.78 -11.78
C VAL C 309 -17.68 -10.22 -12.20
N TRP C 310 -17.54 -11.16 -11.27
CA TRP C 310 -17.79 -12.56 -11.57
C TRP C 310 -19.27 -12.79 -11.83
N ASP C 311 -19.55 -13.86 -12.57
CA ASP C 311 -20.91 -14.36 -12.73
C ASP C 311 -21.12 -15.46 -11.71
N ALA C 312 -22.07 -15.25 -10.79
CA ALA C 312 -22.24 -16.16 -9.66
C ALA C 312 -22.75 -17.53 -10.09
N LEU C 313 -23.49 -17.61 -11.20
CA LEU C 313 -23.98 -18.88 -11.69
C LEU C 313 -23.02 -19.56 -12.67
N LYS C 314 -22.28 -18.78 -13.46
CA LYS C 314 -21.47 -19.32 -14.55
C LYS C 314 -19.99 -19.41 -14.24
N ALA C 315 -19.55 -18.92 -13.06
CA ALA C 315 -18.15 -18.87 -12.63
C ALA C 315 -17.24 -18.15 -13.62
N ASP C 316 -17.76 -17.11 -14.27
CA ASP C 316 -17.04 -16.44 -15.35
C ASP C 316 -16.97 -14.95 -15.06
N ARG C 317 -15.83 -14.35 -15.41
CA ARG C 317 -15.70 -12.90 -15.38
C ARG C 317 -16.67 -12.25 -16.36
N ALA C 318 -17.22 -11.11 -15.96
CA ALA C 318 -18.00 -10.26 -16.86
C ALA C 318 -17.39 -8.91 -17.12
N GLY C 319 -16.61 -8.38 -16.18
CA GLY C 319 -16.10 -7.02 -16.32
C GLY C 319 -15.04 -6.76 -15.28
N VAL C 320 -14.38 -5.61 -15.44
CA VAL C 320 -13.27 -5.21 -14.58
C VAL C 320 -13.33 -3.71 -14.34
N LEU C 321 -13.26 -3.31 -13.08
CA LEU C 321 -13.31 -1.91 -12.66
C LEU C 321 -11.90 -1.41 -12.40
N ALA C 322 -11.17 -1.17 -13.50
CA ALA C 322 -9.75 -0.81 -13.41
C ALA C 322 -9.63 0.72 -13.40
N GLY C 323 -9.91 1.30 -12.24
CA GLY C 323 -9.80 2.73 -12.07
C GLY C 323 -9.09 3.15 -10.80
N HIS C 324 -8.51 2.19 -10.08
CA HIS C 324 -7.88 2.45 -8.79
C HIS C 324 -6.36 2.34 -8.91
N ASP C 325 -5.67 3.31 -8.32
CA ASP C 325 -4.21 3.28 -8.32
C ASP C 325 -3.68 2.23 -7.35
N ASN C 326 -4.33 2.07 -6.20
CA ASN C 326 -3.84 1.21 -5.13
C ASN C 326 -4.91 0.18 -4.77
N ARG C 327 -4.63 -0.61 -3.73
CA ARG C 327 -5.45 -1.76 -3.34
C ARG C 327 -6.86 -1.39 -2.95
N VAL C 328 -7.84 -2.01 -3.61
CA VAL C 328 -9.25 -1.70 -3.37
C VAL C 328 -9.63 -2.33 -2.04
N SER C 329 -9.59 -1.52 -0.98
CA SER C 329 -9.82 -2.02 0.37
C SER C 329 -11.26 -2.45 0.60
N CYS C 330 -12.22 -1.67 0.11
CA CYS C 330 -13.60 -1.98 0.42
C CYS C 330 -14.49 -1.78 -0.80
N LEU C 331 -15.60 -2.51 -0.79
CA LEU C 331 -16.51 -2.55 -1.93
C LEU C 331 -17.90 -2.70 -1.34
N GLY C 332 -18.82 -1.84 -1.74
CA GLY C 332 -20.20 -1.94 -1.29
C GLY C 332 -21.18 -1.69 -2.41
N VAL C 333 -22.36 -2.26 -2.24
CA VAL C 333 -23.45 -2.20 -3.19
C VAL C 333 -24.68 -1.66 -2.47
N THR C 334 -25.42 -0.76 -3.12
CA THR C 334 -26.63 -0.21 -2.54
C THR C 334 -27.70 -1.29 -2.37
N ASP C 335 -28.70 -0.99 -1.54
CA ASP C 335 -29.77 -1.95 -1.31
C ASP C 335 -30.70 -2.06 -2.51
N ASP C 336 -31.02 -0.92 -3.14
CA ASP C 336 -31.82 -0.94 -4.35
C ASP C 336 -31.01 -1.31 -5.59
N GLY C 337 -29.70 -1.43 -5.49
CA GLY C 337 -28.88 -1.93 -6.58
C GLY C 337 -28.33 -0.88 -7.54
N MET C 338 -28.42 0.41 -7.18
CA MET C 338 -28.13 1.50 -8.11
C MET C 338 -26.68 1.48 -8.60
N ALA C 339 -25.72 1.47 -7.68
CA ALA C 339 -24.32 1.57 -8.07
C ALA C 339 -23.44 0.91 -7.02
N VAL C 340 -22.15 0.86 -7.31
CA VAL C 340 -21.16 0.17 -6.48
C VAL C 340 -20.09 1.17 -6.08
N ALA C 341 -19.86 1.33 -4.79
CA ALA C 341 -18.82 2.24 -4.35
C ALA C 341 -17.63 1.41 -3.91
N THR C 342 -16.46 1.72 -4.46
CA THR C 342 -15.22 1.03 -4.12
C THR C 342 -14.24 2.05 -3.58
N GLY C 343 -13.62 1.71 -2.44
CA GLY C 343 -12.66 2.58 -1.81
C GLY C 343 -11.33 1.88 -1.74
N SER C 344 -10.29 2.55 -2.22
CA SER C 344 -8.98 1.97 -2.30
C SER C 344 -7.99 2.71 -1.40
N TRP C 345 -6.74 2.26 -1.45
CA TRP C 345 -5.68 2.83 -0.66
C TRP C 345 -4.98 4.02 -1.31
N ASP C 346 -5.47 4.51 -2.45
CA ASP C 346 -4.92 5.70 -3.06
C ASP C 346 -5.61 6.98 -2.60
N SER C 347 -6.46 6.88 -1.57
CA SER C 347 -7.23 7.95 -0.89
C SER C 347 -8.40 8.43 -1.74
N PHE C 348 -8.79 7.71 -2.78
CA PHE C 348 -9.92 8.09 -3.62
C PHE C 348 -11.00 7.02 -3.54
N LEU C 349 -12.25 7.46 -3.60
CA LEU C 349 -13.42 6.60 -3.49
C LEU C 349 -14.30 6.76 -4.72
N LYS C 350 -14.48 5.68 -5.46
CA LYS C 350 -15.08 5.71 -6.78
C LYS C 350 -16.50 5.15 -6.68
N ILE C 351 -17.43 5.73 -7.44
CA ILE C 351 -18.73 5.12 -7.68
C ILE C 351 -18.76 4.60 -9.11
N TRP C 352 -19.02 3.30 -9.27
CA TRP C 352 -19.06 2.62 -10.55
C TRP C 352 -20.49 2.19 -10.83
N ASN C 353 -21.01 2.55 -11.99
CA ASN C 353 -22.37 2.14 -12.32
C ASN C 353 -22.38 1.36 -13.63
N THR D 5 -4.74 -28.05 31.84
CA THR D 5 -6.02 -28.56 31.36
C THR D 5 -6.69 -27.54 30.44
N ALA D 6 -5.92 -26.58 29.96
CA ALA D 6 -6.43 -25.55 29.06
C ALA D 6 -6.59 -26.06 27.64
N SER D 7 -5.65 -26.88 27.15
CA SER D 7 -5.76 -27.46 25.82
C SER D 7 -6.88 -28.49 25.73
N ILE D 8 -7.06 -29.31 26.76
CA ILE D 8 -8.09 -30.35 26.70
C ILE D 8 -9.50 -29.75 26.77
N ALA D 9 -9.67 -28.62 27.46
CA ALA D 9 -10.96 -27.93 27.46
C ALA D 9 -11.30 -27.39 26.07
N GLN D 10 -10.29 -26.93 25.33
CA GLN D 10 -10.52 -26.48 23.97
C GLN D 10 -10.74 -27.66 23.02
N ALA D 11 -10.14 -28.82 23.32
CA ALA D 11 -10.43 -30.01 22.54
C ALA D 11 -11.85 -30.51 22.79
N ARG D 12 -12.32 -30.42 24.04
CA ARG D 12 -13.70 -30.81 24.35
C ARG D 12 -14.71 -29.85 23.73
N LYS D 13 -14.37 -28.56 23.66
CA LYS D 13 -15.24 -27.63 22.96
C LYS D 13 -15.24 -27.87 21.45
N LEU D 14 -14.10 -28.28 20.89
CA LEU D 14 -14.07 -28.60 19.46
C LEU D 14 -14.86 -29.87 19.17
N VAL D 15 -14.80 -30.86 20.07
CA VAL D 15 -15.57 -32.09 19.89
C VAL D 15 -17.06 -31.81 19.98
N GLU D 16 -17.48 -31.03 20.99
CA GLU D 16 -18.90 -30.72 21.14
C GLU D 16 -19.42 -29.85 19.99
N GLN D 17 -18.56 -28.98 19.45
CA GLN D 17 -18.95 -28.19 18.28
C GLN D 17 -19.09 -29.07 17.04
N LEU D 18 -18.16 -30.00 16.84
CA LEU D 18 -18.28 -30.92 15.71
C LEU D 18 -19.52 -31.80 15.85
N LYS D 19 -19.89 -32.16 17.09
CA LYS D 19 -21.10 -32.94 17.32
C LYS D 19 -22.34 -32.15 16.92
N MET D 20 -22.38 -30.88 17.33
CA MET D 20 -23.50 -30.00 16.97
C MET D 20 -23.56 -29.78 15.46
N GLU D 21 -22.40 -29.62 14.82
CA GLU D 21 -22.34 -29.38 13.37
C GLU D 21 -22.75 -30.61 12.57
N ALA D 22 -22.33 -31.80 13.01
CA ALA D 22 -22.66 -33.03 12.29
C ALA D 22 -24.15 -33.34 12.35
N ASN D 23 -24.79 -33.11 13.50
CA ASN D 23 -26.21 -33.42 13.68
C ASN D 23 -27.10 -32.29 13.15
N ILE D 24 -27.03 -32.08 11.84
CA ILE D 24 -27.89 -31.13 11.14
C ILE D 24 -28.50 -31.83 9.92
N ASP D 25 -29.48 -31.17 9.32
CA ASP D 25 -30.11 -31.64 8.10
C ASP D 25 -29.55 -30.84 6.92
N ARG D 26 -29.03 -31.53 5.92
CA ARG D 26 -28.34 -30.90 4.80
C ARG D 26 -29.13 -31.13 3.52
N ILE D 27 -29.57 -30.05 2.89
CA ILE D 27 -30.26 -30.13 1.61
C ILE D 27 -29.23 -30.42 0.51
N LYS D 28 -29.67 -31.14 -0.52
CA LYS D 28 -28.82 -31.48 -1.65
C LYS D 28 -28.40 -30.24 -2.43
N VAL D 29 -27.24 -30.34 -3.11
CA VAL D 29 -26.67 -29.24 -3.87
C VAL D 29 -27.55 -28.89 -5.08
N SER D 30 -28.21 -29.89 -5.67
CA SER D 30 -29.07 -29.65 -6.84
C SER D 30 -30.25 -28.75 -6.49
N LYS D 31 -30.85 -28.95 -5.31
CA LYS D 31 -32.01 -28.16 -4.93
C LYS D 31 -31.59 -26.75 -4.56
N ALA D 32 -30.40 -26.62 -3.96
CA ALA D 32 -29.88 -25.32 -3.59
C ALA D 32 -29.51 -24.50 -4.82
N ALA D 33 -28.90 -25.17 -5.81
CA ALA D 33 -28.60 -24.54 -7.08
C ALA D 33 -29.87 -24.09 -7.78
N ALA D 34 -30.90 -24.94 -7.74
CA ALA D 34 -32.19 -24.60 -8.36
C ALA D 34 -32.81 -23.39 -7.67
N ASP D 35 -32.66 -23.31 -6.34
CA ASP D 35 -33.19 -22.17 -5.58
C ASP D 35 -32.44 -20.88 -5.92
N LEU D 36 -31.10 -20.97 -6.05
CA LEU D 36 -30.33 -19.79 -6.44
C LEU D 36 -30.66 -19.32 -7.85
N MET D 37 -30.81 -20.27 -8.79
CA MET D 37 -31.22 -19.90 -10.14
C MET D 37 -32.61 -19.29 -10.16
N ALA D 38 -33.53 -19.83 -9.36
CA ALA D 38 -34.86 -19.26 -9.21
C ALA D 38 -34.81 -17.82 -8.70
N TYR D 39 -33.97 -17.57 -7.69
CA TYR D 39 -33.88 -16.21 -7.12
C TYR D 39 -33.27 -15.23 -8.12
N CYS D 40 -32.23 -15.66 -8.83
CA CYS D 40 -31.59 -14.79 -9.83
C CYS D 40 -32.51 -14.52 -11.01
N GLU D 41 -33.23 -15.56 -11.48
CA GLU D 41 -34.19 -15.38 -12.57
C GLU D 41 -35.33 -14.46 -12.16
N ALA D 42 -35.87 -14.67 -10.95
CA ALA D 42 -36.98 -13.85 -10.46
C ALA D 42 -36.58 -12.38 -10.32
N HIS D 43 -35.40 -12.12 -9.77
CA HIS D 43 -34.99 -10.74 -9.51
C HIS D 43 -34.04 -10.21 -10.58
N ALA D 44 -34.08 -10.76 -11.79
CA ALA D 44 -33.17 -10.33 -12.85
C ALA D 44 -33.50 -8.91 -13.32
N LYS D 45 -34.78 -8.59 -13.48
CA LYS D 45 -35.17 -7.28 -13.98
C LYS D 45 -34.98 -6.20 -12.92
N GLU D 46 -35.08 -6.56 -11.65
CA GLU D 46 -34.93 -5.60 -10.56
C GLU D 46 -33.49 -5.16 -10.32
N ASP D 47 -32.52 -5.81 -10.94
CA ASP D 47 -31.11 -5.49 -10.73
C ASP D 47 -30.67 -4.42 -11.71
N PRO D 48 -30.18 -3.27 -11.25
CA PRO D 48 -29.67 -2.25 -12.17
C PRO D 48 -28.26 -2.57 -12.67
N LEU D 49 -27.51 -3.34 -11.89
CA LEU D 49 -26.14 -3.67 -12.26
C LEU D 49 -26.10 -4.70 -13.37
N LEU D 50 -27.02 -5.68 -13.33
CA LEU D 50 -27.05 -6.74 -14.34
C LEU D 50 -27.51 -6.21 -15.69
N THR D 51 -28.62 -5.47 -15.71
CA THR D 51 -29.19 -4.91 -16.93
C THR D 51 -29.10 -3.39 -16.85
N PRO D 52 -28.42 -2.73 -17.80
CA PRO D 52 -28.19 -1.28 -17.69
C PRO D 52 -29.47 -0.45 -17.75
N VAL D 53 -29.61 0.43 -16.78
CA VAL D 53 -30.79 1.29 -16.60
C VAL D 53 -30.59 2.55 -17.45
N PRO D 54 -31.65 3.06 -18.09
CA PRO D 54 -31.54 4.35 -18.80
C PRO D 54 -31.18 5.51 -17.88
N ALA D 55 -30.66 6.57 -18.51
CA ALA D 55 -30.06 7.69 -17.78
C ALA D 55 -31.09 8.47 -16.96
N SER D 56 -32.35 8.52 -17.40
CA SER D 56 -33.35 9.28 -16.67
C SER D 56 -33.74 8.59 -15.36
N GLU D 57 -33.85 7.27 -15.37
CA GLU D 57 -34.12 6.56 -14.12
C GLU D 57 -32.87 6.44 -13.27
N ASN D 58 -31.70 6.49 -13.88
CA ASN D 58 -30.42 6.43 -13.17
C ASN D 58 -30.19 7.72 -12.41
N PRO D 59 -30.04 7.69 -11.08
CA PRO D 59 -29.78 8.94 -10.34
C PRO D 59 -28.37 9.46 -10.48
N PHE D 60 -27.42 8.64 -10.90
CA PHE D 60 -26.02 9.07 -10.99
C PHE D 60 -25.70 9.76 -12.31
N ARG D 61 -26.40 9.41 -13.39
CA ARG D 61 -26.23 10.12 -14.64
C ARG D 61 -27.08 11.39 -14.69
N GLN E 2 -10.49 -28.27 3.84
CA GLN E 2 -9.89 -27.85 5.10
C GLN E 2 -8.38 -28.07 5.08
N VAL E 3 -7.64 -27.02 5.42
CA VAL E 3 -6.18 -27.08 5.44
C VAL E 3 -5.74 -27.87 6.66
N GLN E 4 -5.09 -29.01 6.42
CA GLN E 4 -4.61 -29.86 7.51
C GLN E 4 -3.21 -30.35 7.20
N LEU E 5 -2.34 -30.27 8.20
CA LEU E 5 -0.97 -30.74 8.09
C LEU E 5 -0.77 -31.81 9.15
N GLN E 6 -0.38 -33.02 8.73
CA GLN E 6 -0.15 -34.10 9.68
C GLN E 6 1.35 -34.38 9.75
N GLU E 7 1.93 -34.26 10.94
CA GLU E 7 3.33 -34.62 11.11
C GLU E 7 3.50 -36.08 11.53
N SER E 8 4.43 -36.77 10.88
CA SER E 8 4.74 -38.17 11.11
C SER E 8 6.21 -38.29 11.48
N GLY E 9 6.51 -39.26 12.32
CA GLY E 9 7.84 -39.46 12.84
C GLY E 9 7.92 -39.22 14.34
N GLY E 10 9.13 -38.91 14.80
CA GLY E 10 9.33 -38.52 16.18
C GLY E 10 9.72 -39.68 17.08
N GLY E 11 9.47 -39.48 18.38
CA GLY E 11 9.82 -40.49 19.35
C GLY E 11 11.21 -40.29 19.93
N LEU E 12 11.54 -41.21 20.84
CA LEU E 12 12.79 -41.15 21.58
C LEU E 12 13.91 -41.67 20.67
N VAL E 13 14.94 -40.87 20.47
CA VAL E 13 16.14 -41.29 19.75
C VAL E 13 17.37 -40.99 20.59
N GLN E 14 18.44 -41.73 20.31
CA GLN E 14 19.74 -41.48 20.90
C GLN E 14 20.38 -40.25 20.27
N PRO E 15 21.22 -39.51 21.02
CA PRO E 15 21.88 -38.34 20.43
C PRO E 15 22.86 -38.75 19.33
N GLY E 16 22.85 -37.95 18.26
CA GLY E 16 23.55 -38.30 17.04
C GLY E 16 22.73 -39.10 16.05
N GLY E 17 21.53 -39.55 16.44
CA GLY E 17 20.71 -40.37 15.57
C GLY E 17 20.05 -39.57 14.46
N SER E 18 19.57 -40.30 13.46
CA SER E 18 18.93 -39.71 12.28
C SER E 18 17.45 -40.00 12.30
N LEU E 19 16.64 -38.95 12.13
CA LEU E 19 15.20 -39.03 12.16
C LEU E 19 14.61 -38.22 11.01
N ARG E 20 13.65 -38.78 10.30
CA ARG E 20 12.93 -38.05 9.26
C ARG E 20 11.52 -37.67 9.73
N LEU E 21 11.20 -36.39 9.62
CA LEU E 21 9.88 -35.86 9.97
C LEU E 21 9.13 -35.56 8.67
N SER E 22 8.00 -36.24 8.46
CA SER E 22 7.24 -36.11 7.22
C SER E 22 5.92 -35.42 7.53
N CYS E 23 5.66 -34.31 6.85
CA CYS E 23 4.44 -33.54 7.05
C CYS E 23 3.54 -33.59 5.83
N ALA E 24 2.43 -34.30 5.97
CA ALA E 24 1.50 -34.60 4.90
C ALA E 24 0.52 -33.45 4.77
N ALA E 25 0.55 -32.76 3.64
CA ALA E 25 -0.19 -31.51 3.46
C ALA E 25 -1.46 -31.78 2.67
N SER E 26 -2.62 -31.54 3.29
CA SER E 26 -3.89 -31.83 2.65
C SER E 26 -4.77 -30.59 2.68
N GLY E 27 -5.60 -30.46 1.64
CA GLY E 27 -6.62 -29.43 1.61
C GLY E 27 -6.23 -28.12 0.96
N PHE E 28 -5.10 -28.07 0.24
CA PHE E 28 -4.72 -26.88 -0.50
C PHE E 28 -3.80 -27.28 -1.64
N THR E 29 -3.43 -26.30 -2.45
CA THR E 29 -2.49 -26.49 -3.56
C THR E 29 -1.09 -26.25 -3.03
N PHE E 30 -0.26 -27.30 -3.03
CA PHE E 30 0.98 -27.30 -2.26
C PHE E 30 2.02 -26.34 -2.83
N SER E 31 2.16 -26.30 -4.16
CA SER E 31 3.23 -25.56 -4.83
C SER E 31 3.19 -24.07 -4.52
N ASN E 32 1.99 -23.51 -4.32
CA ASN E 32 1.83 -22.06 -4.27
C ASN E 32 2.38 -21.46 -2.98
N TYR E 33 2.50 -22.25 -1.92
CA TYR E 33 2.75 -21.73 -0.58
C TYR E 33 4.17 -22.01 -0.12
N LYS E 34 4.85 -20.98 0.36
CA LYS E 34 6.05 -21.15 1.17
C LYS E 34 5.69 -21.87 2.47
N MET E 35 6.52 -22.82 2.88
CA MET E 35 6.22 -23.62 4.06
C MET E 35 7.42 -23.55 5.00
N ASN E 36 7.21 -23.92 6.28
CA ASN E 36 8.31 -23.87 7.23
C ASN E 36 8.09 -24.77 8.45
N TRP E 37 9.19 -25.07 9.15
CA TRP E 37 9.22 -25.92 10.34
C TRP E 37 9.54 -25.07 11.58
N VAL E 38 8.73 -25.24 12.63
CA VAL E 38 8.78 -24.50 13.89
C VAL E 38 8.76 -25.50 15.04
N ARG E 39 9.62 -25.36 16.04
CA ARG E 39 9.66 -26.31 17.15
C ARG E 39 9.41 -25.62 18.48
N GLN E 40 8.71 -26.32 19.38
CA GLN E 40 8.41 -25.79 20.71
C GLN E 40 9.10 -26.66 21.76
N ALA E 41 10.10 -26.08 22.44
CA ALA E 41 10.79 -26.80 23.50
C ALA E 41 9.89 -26.88 24.73
N PRO E 42 10.10 -27.86 25.60
CA PRO E 42 9.33 -27.90 26.86
C PRO E 42 9.68 -26.72 27.77
N GLY E 43 8.64 -25.99 28.18
CA GLY E 43 8.82 -24.81 29.01
C GLY E 43 9.46 -23.64 28.32
N LYS E 44 9.50 -23.62 26.98
CA LYS E 44 10.04 -22.52 26.21
C LYS E 44 9.08 -22.12 25.11
N GLY E 45 9.31 -20.94 24.56
CA GLY E 45 8.50 -20.47 23.46
C GLY E 45 8.80 -21.18 22.16
N LEU E 46 7.88 -21.01 21.21
CA LEU E 46 8.07 -21.49 19.85
C LEU E 46 9.24 -20.78 19.17
N GLU E 47 9.94 -21.52 18.32
CA GLU E 47 11.08 -20.97 17.60
C GLU E 47 11.15 -21.54 16.19
N TRP E 48 11.34 -20.65 15.22
CA TRP E 48 11.45 -21.03 13.81
C TRP E 48 12.70 -21.88 13.60
N VAL E 49 12.55 -23.03 12.94
CA VAL E 49 13.68 -23.92 12.67
C VAL E 49 14.18 -23.82 11.24
N SER E 50 13.28 -23.90 10.26
CA SER E 50 13.72 -23.76 8.87
C SER E 50 12.53 -23.38 8.01
N ASP E 51 12.81 -23.05 6.74
CA ASP E 51 11.77 -22.70 5.79
C ASP E 51 12.15 -23.20 4.41
N ILE E 52 11.19 -23.12 3.48
CA ILE E 52 11.41 -23.53 2.09
C ILE E 52 10.37 -22.83 1.23
N SER E 53 10.82 -22.33 0.08
CA SER E 53 10.02 -21.49 -0.80
C SER E 53 9.13 -22.35 -1.69
N GLN E 54 8.51 -21.70 -2.68
CA GLN E 54 7.60 -22.39 -3.59
C GLN E 54 8.34 -23.40 -4.46
N SER E 55 9.35 -22.95 -5.20
CA SER E 55 10.13 -23.84 -6.03
C SER E 55 11.04 -24.75 -5.19
N GLY E 56 11.43 -24.31 -4.01
CA GLY E 56 12.42 -25.00 -3.22
C GLY E 56 13.84 -24.49 -3.38
N ALA E 57 14.05 -23.51 -4.28
CA ALA E 57 15.39 -23.00 -4.52
C ALA E 57 15.92 -22.20 -3.33
N SER E 58 15.07 -21.39 -2.71
CA SER E 58 15.46 -20.53 -1.61
C SER E 58 15.19 -21.25 -0.29
N ILE E 59 16.23 -21.46 0.50
CA ILE E 59 16.17 -22.20 1.75
C ILE E 59 17.02 -21.46 2.77
N SER E 60 16.51 -21.32 3.99
CA SER E 60 17.28 -20.73 5.08
C SER E 60 17.05 -21.56 6.34
N TYR E 61 17.93 -21.38 7.31
CA TYR E 61 17.85 -22.10 8.57
C TYR E 61 18.01 -21.15 9.74
N THR E 62 17.89 -21.71 10.94
CA THR E 62 18.22 -21.07 12.20
C THR E 62 19.71 -21.34 12.46
N GLY E 63 20.34 -20.48 13.25
CA GLY E 63 21.74 -20.68 13.62
C GLY E 63 21.97 -22.00 14.32
N SER E 64 21.08 -22.36 15.25
CA SER E 64 21.34 -23.48 16.15
C SER E 64 21.11 -24.83 15.48
N VAL E 65 20.62 -24.84 14.24
CA VAL E 65 20.25 -26.07 13.54
C VAL E 65 20.92 -26.18 12.18
N LYS E 66 21.80 -25.25 11.82
CA LYS E 66 22.34 -25.18 10.47
C LYS E 66 23.40 -26.24 10.26
N GLY E 67 23.41 -26.83 9.06
CA GLY E 67 24.39 -27.84 8.70
C GLY E 67 24.03 -29.26 9.10
N ARG E 68 23.02 -29.45 9.94
CA ARG E 68 22.63 -30.79 10.38
C ARG E 68 21.12 -31.00 10.27
N PHE E 69 20.41 -30.08 9.61
CA PHE E 69 19.00 -30.20 9.30
C PHE E 69 18.81 -29.96 7.81
N THR E 70 18.00 -30.80 7.17
CA THR E 70 17.73 -30.65 5.74
C THR E 70 16.22 -30.59 5.52
N ILE E 71 15.78 -29.57 4.79
CA ILE E 71 14.35 -29.39 4.50
C ILE E 71 14.13 -29.60 3.01
N SER E 72 13.24 -30.53 2.66
CA SER E 72 12.91 -30.83 1.27
C SER E 72 11.39 -30.87 1.11
N ARG E 73 10.88 -30.38 -0.02
CA ARG E 73 9.45 -30.50 -0.27
C ARG E 73 9.22 -31.28 -1.56
N ASP E 74 8.34 -32.26 -1.50
CA ASP E 74 7.89 -33.02 -2.67
C ASP E 74 6.52 -32.48 -3.07
N ASN E 75 6.44 -31.87 -4.26
CA ASN E 75 5.17 -31.35 -4.76
C ASN E 75 4.26 -32.48 -5.22
N ALA E 76 4.81 -33.50 -5.86
CA ALA E 76 4.01 -34.60 -6.38
C ALA E 76 3.43 -35.46 -5.27
N LYS E 77 4.26 -35.84 -4.29
CA LYS E 77 3.76 -36.58 -3.14
C LYS E 77 3.13 -35.67 -2.09
N ASN E 78 3.26 -34.34 -2.25
CA ASN E 78 2.59 -33.33 -1.43
C ASN E 78 3.01 -33.45 0.04
N THR E 79 4.32 -33.49 0.26
CA THR E 79 4.84 -33.81 1.58
C THR E 79 6.07 -32.95 1.85
N LEU E 80 6.28 -32.60 3.13
CA LEU E 80 7.44 -31.83 3.57
C LEU E 80 8.32 -32.70 4.45
N TYR E 81 9.59 -32.82 4.10
CA TYR E 81 10.53 -33.69 4.80
C TYR E 81 11.54 -32.84 5.56
N LEU E 82 11.79 -33.23 6.81
CA LEU E 82 12.88 -32.69 7.62
C LEU E 82 13.80 -33.82 8.04
N GLN E 83 15.02 -33.83 7.49
CA GLN E 83 16.03 -34.83 7.80
C GLN E 83 16.89 -34.28 8.93
N MET E 84 16.84 -34.94 10.08
CA MET E 84 17.59 -34.58 11.28
C MET E 84 18.71 -35.58 11.48
N ASN E 85 19.95 -35.10 11.49
CA ASN E 85 21.08 -35.92 11.88
C ASN E 85 21.99 -35.14 12.82
N SER E 86 22.82 -35.89 13.56
CA SER E 86 23.73 -35.37 14.59
C SER E 86 22.96 -34.57 15.65
N LEU E 87 21.89 -35.17 16.15
CA LEU E 87 21.03 -34.51 17.14
C LEU E 87 21.69 -34.46 18.51
N LYS E 88 21.51 -33.33 19.19
CA LYS E 88 21.97 -32.99 20.54
C LYS E 88 20.83 -33.21 21.54
N PRO E 89 21.13 -33.47 22.81
CA PRO E 89 20.06 -33.68 23.79
C PRO E 89 19.27 -32.42 24.12
N GLU E 90 19.86 -31.23 23.91
CA GLU E 90 19.22 -30.00 24.35
C GLU E 90 18.02 -29.62 23.49
N ASP E 91 18.06 -29.89 22.19
CA ASP E 91 16.98 -29.46 21.29
C ASP E 91 16.01 -30.61 21.02
N THR E 92 15.36 -31.03 22.11
CA THR E 92 14.20 -31.91 22.06
C THR E 92 12.92 -31.08 22.14
N ALA E 93 11.97 -31.37 21.27
CA ALA E 93 10.88 -30.42 21.12
C ALA E 93 9.65 -31.05 20.47
N VAL E 94 8.54 -30.35 20.59
CA VAL E 94 7.31 -30.62 19.84
C VAL E 94 7.47 -29.93 18.49
N TYR E 95 8.03 -30.64 17.52
CA TYR E 95 8.18 -30.09 16.19
C TYR E 95 6.83 -29.93 15.50
N TYR E 96 6.70 -28.87 14.70
CA TYR E 96 5.45 -28.45 14.11
C TYR E 96 5.72 -28.06 12.66
N CYS E 97 4.73 -28.29 11.82
CA CYS E 97 4.81 -28.02 10.40
C CYS E 97 3.80 -26.93 10.11
N ALA E 98 4.24 -25.83 9.54
CA ALA E 98 3.43 -24.63 9.44
C ALA E 98 3.50 -24.09 8.03
N ARG E 99 2.46 -23.36 7.64
CA ARG E 99 2.33 -22.85 6.29
C ARG E 99 2.17 -21.34 6.34
N CYS E 100 2.95 -20.64 5.53
CA CYS E 100 2.85 -19.20 5.44
C CYS E 100 1.52 -18.82 4.79
N PRO E 101 0.85 -17.78 5.27
CA PRO E 101 -0.59 -17.60 4.99
C PRO E 101 -0.95 -17.30 3.54
N ALA E 102 -0.11 -16.57 2.82
CA ALA E 102 -0.52 -16.16 1.49
C ALA E 102 0.30 -16.89 0.43
N PRO E 103 -0.26 -17.15 -0.75
CA PRO E 103 0.52 -17.75 -1.83
C PRO E 103 1.32 -16.69 -2.56
N PHE E 104 2.40 -17.16 -3.19
CA PHE E 104 3.30 -16.36 -4.03
C PHE E 104 3.94 -15.20 -3.27
N THR E 105 4.17 -15.40 -1.97
CA THR E 105 4.66 -14.34 -1.09
C THR E 105 5.81 -14.87 -0.24
N ARG E 106 6.66 -13.94 0.22
CA ARG E 106 7.84 -14.27 0.99
C ARG E 106 7.75 -13.83 2.45
N ASP E 107 6.64 -13.24 2.88
CA ASP E 107 6.50 -12.72 4.23
C ASP E 107 5.71 -13.70 5.10
N CYS E 108 6.34 -14.14 6.19
CA CYS E 108 5.74 -15.10 7.12
C CYS E 108 5.75 -14.45 8.50
N PHE E 109 4.69 -13.69 8.80
CA PHE E 109 4.68 -12.81 9.98
C PHE E 109 4.57 -13.57 11.28
N ASP E 110 3.59 -14.46 11.36
CA ASP E 110 3.13 -14.98 12.65
C ASP E 110 3.06 -16.50 12.60
N VAL E 111 4.07 -17.09 11.97
CA VAL E 111 4.24 -18.54 11.99
C VAL E 111 4.71 -18.99 13.37
N THR E 112 5.31 -18.08 14.13
CA THR E 112 5.78 -18.34 15.48
C THR E 112 4.87 -17.50 16.38
N SER E 113 3.71 -18.08 16.70
CA SER E 113 2.71 -17.42 17.51
C SER E 113 1.94 -18.49 18.28
N THR E 114 1.36 -18.08 19.41
CA THR E 114 0.75 -19.01 20.36
C THR E 114 -0.43 -19.76 19.74
N THR E 115 -1.33 -19.03 19.09
CA THR E 115 -2.41 -19.62 18.32
C THR E 115 -2.20 -19.26 16.86
N TYR E 116 -2.05 -20.27 16.02
CA TYR E 116 -1.86 -20.06 14.59
C TYR E 116 -2.70 -21.05 13.82
N ALA E 117 -3.28 -20.58 12.72
CA ALA E 117 -4.34 -21.31 12.04
C ALA E 117 -3.79 -22.51 11.26
N TYR E 118 -2.64 -22.35 10.61
CA TYR E 118 -2.18 -23.33 9.63
C TYR E 118 -0.94 -24.01 10.20
N ARG E 119 -1.19 -24.99 11.06
CA ARG E 119 -0.14 -25.66 11.82
C ARG E 119 -0.71 -26.99 12.29
N GLY E 120 0.12 -28.03 12.28
CA GLY E 120 -0.33 -29.34 12.70
C GLY E 120 -0.43 -29.45 14.21
N GLN E 121 -0.90 -30.62 14.65
CA GLN E 121 -1.04 -30.88 16.08
C GLN E 121 0.32 -31.00 16.76
N GLY E 122 1.33 -31.50 16.06
CA GLY E 122 2.66 -31.56 16.60
C GLY E 122 3.19 -32.97 16.77
N THR E 123 4.49 -33.14 16.58
CA THR E 123 5.17 -34.41 16.77
C THR E 123 6.32 -34.25 17.77
N GLN E 124 6.26 -35.02 18.85
CA GLN E 124 7.25 -34.94 19.91
C GLN E 124 8.51 -35.70 19.49
N VAL E 125 9.63 -34.98 19.38
CA VAL E 125 10.93 -35.58 19.12
C VAL E 125 11.71 -35.45 20.42
N THR E 126 12.03 -36.59 21.02
CA THR E 126 12.80 -36.63 22.27
C THR E 126 14.19 -37.17 22.00
N VAL E 127 15.21 -36.45 22.44
CA VAL E 127 16.60 -36.89 22.33
C VAL E 127 17.14 -37.03 23.75
N SER E 128 17.55 -38.25 24.11
CA SER E 128 18.12 -38.49 25.42
C SER E 128 19.44 -39.25 25.32
C01 SK0 F . 15.55 35.44 -28.78
C02 SK0 F . 15.28 34.57 -27.73
C03 SK0 F . 16.32 36.57 -28.50
C04 SK0 F . 15.74 34.83 -26.45
C05 SK0 F . 16.79 36.82 -27.23
C06 SK0 F . 16.50 35.95 -26.20
C07 SK0 F . 15.04 35.17 -30.22
C08 SK0 F . 15.38 33.78 -30.80
C09 SK0 F . 14.45 33.32 -27.89
C10 SK0 F . 15.04 32.31 -28.86
C11 SK0 F . 15.57 36.17 -31.26
C12 SK0 F . 14.82 37.29 -31.59
C13 SK0 F . 16.80 35.96 -31.89
C14 SK0 F . 15.29 38.20 -32.54
C15 SK0 F . 17.27 36.86 -32.82
C16 SK0 F . 16.51 37.98 -33.15
N01 SK0 F . 14.65 32.64 -30.23
O01 SK0 F . 17.54 37.94 -26.98
O02 SK0 F . 16.95 36.20 -24.94
CL01 SK0 F . 15.37 33.75 -25.17
C10 G4C G . 14.90 25.83 1.42
C12 G4C G . 13.19 24.17 1.02
C02 G4C G . 9.58 30.82 1.70
C03 G4C G . 8.76 29.53 1.53
C05 G4C G . 10.78 28.06 1.10
C06 G4C G . 11.80 27.59 0.09
C07 G4C G . 12.74 26.49 0.57
C08 G4C G . 14.04 26.82 0.99
C11 G4C G . 14.48 24.50 1.44
C13 G4C G . 12.32 25.16 0.58
C18 G4C G . 8.34 29.72 -1.32
O15 G4C G . 11.12 28.07 2.27
C16 G4C G . 9.18 28.54 -0.81
C17 G4C G . 8.46 27.26 -1.30
C19 G4C G . 7.46 30.38 -0.44
C20 G4C G . 6.70 31.45 -0.91
C21 G4C G . 5.74 32.18 0.02
C22 G4C G . 4.29 31.69 -0.22
C23 G4C G . 3.28 32.23 0.81
C24 G4C G . 3.61 33.64 1.32
C26 G4C G . 3.22 31.27 2.00
C27 G4C G . 6.81 31.86 -2.23
C28 G4C G . 7.68 31.21 -3.10
C29 G4C G . 8.44 30.14 -2.65
C30 G4C G . 7.36 29.91 1.02
N04 G4C G . 9.41 28.49 0.66
O01 G4C G . 9.02 31.59 2.75
O25 G4C G . 1.99 32.28 0.18
CL9 G4C G . 14.56 28.50 0.96
CL4 G4C G . 10.71 24.73 0.06
C1 CLR H . 26.60 48.72 -21.87
C2 CLR H . 27.24 49.05 -23.22
C3 CLR H . 28.54 48.28 -23.37
C4 CLR H . 28.20 46.78 -23.46
C5 CLR H . 27.43 46.39 -22.21
C6 CLR H . 27.82 45.34 -21.56
C7 CLR H . 27.16 44.83 -20.32
C8 CLR H . 25.74 45.38 -20.17
C9 CLR H . 25.78 46.89 -20.38
C10 CLR H . 26.25 47.23 -21.78
C11 CLR H . 24.44 47.56 -20.06
C12 CLR H . 23.93 47.19 -18.65
C13 CLR H . 23.87 45.67 -18.45
C14 CLR H . 25.29 45.10 -18.73
C15 CLR H . 25.14 43.63 -18.34
C16 CLR H . 24.29 43.72 -17.05
C17 CLR H . 23.62 45.13 -17.03
C18 CLR H . 22.87 45.07 -19.45
C19 CLR H . 25.12 46.93 -22.77
C20 CLR H . 22.14 45.14 -16.61
C21 CLR H . 21.87 46.37 -15.73
C22 CLR H . 21.74 43.88 -15.81
C23 CLR H . 20.30 43.98 -15.30
C24 CLR H . 19.99 42.81 -14.35
C25 CLR H . 18.62 43.01 -13.73
C26 CLR H . 18.35 41.91 -12.70
C27 CLR H . 17.54 42.97 -14.81
O1 CLR H . 29.21 48.69 -24.57
C1 CLR I . 20.50 55.21 -21.40
C2 CLR I . 21.08 55.75 -22.71
C3 CLR I . 22.60 55.64 -22.69
C4 CLR I . 22.96 54.16 -22.69
C5 CLR I . 22.32 53.50 -21.48
C6 CLR I . 23.07 52.75 -20.73
C7 CLR I . 22.58 52.03 -19.50
C8 CLR I . 21.06 51.90 -19.51
C9 CLR I . 20.45 53.28 -19.82
C10 CLR I . 20.86 53.73 -21.22
C11 CLR I . 18.93 53.30 -19.64
C12 CLR I . 18.50 52.77 -18.26
C13 CLR I . 19.08 51.37 -18.00
C14 CLR I . 20.63 51.47 -18.12
C15 CLR I . 21.07 50.07 -17.66
C16 CLR I . 20.12 49.79 -16.46
C17 CLR I . 18.93 50.79 -16.59
C18 CLR I . 18.55 50.38 -19.05
C19 CLR I . 20.09 52.90 -22.25
C20 CLR I . 17.54 50.18 -16.31
C21 CLR I . 16.71 51.16 -15.47
C22 CLR I . 17.60 48.85 -15.54
C23 CLR I . 16.19 48.26 -15.42
C24 CLR I . 16.22 47.02 -14.53
C25 CLR I . 14.79 46.46 -14.37
C26 CLR I . 13.88 47.52 -13.73
C27 CLR I . 14.83 45.23 -13.47
O1 CLR I . 23.14 56.27 -23.85
C1 CLR J . 28.70 5.69 -18.96
C2 CLR J . 29.25 4.78 -17.86
C3 CLR J . 30.69 5.20 -17.56
C4 CLR J . 30.64 6.58 -16.89
C5 CLR J . 29.97 7.54 -17.85
C6 CLR J . 30.54 8.69 -18.05
C7 CLR J . 30.00 9.75 -18.97
C8 CLR J . 28.53 9.51 -19.31
C9 CLR J . 28.35 8.04 -19.69
C10 CLR J . 28.68 7.14 -18.50
C11 CLR J . 26.95 7.75 -20.24
C12 CLR J . 26.60 8.69 -21.41
C13 CLR J . 26.73 10.17 -21.01
C14 CLR J . 28.20 10.37 -20.53
C15 CLR J . 28.28 11.88 -20.32
C16 CLR J . 27.58 12.38 -21.61
C17 CLR J . 26.62 11.25 -22.10
C18 CLR J . 25.77 10.47 -19.85
C19 CLR J . 27.58 7.33 -17.45
C20 CLR J . 25.19 11.78 -22.39
C21 CLR J . 24.47 10.85 -23.39
C22 CLR J . 25.23 13.21 -22.96
C23 CLR J . 23.94 13.64 -23.65
C24 CLR J . 24.17 14.98 -24.36
C25 CLR J . 23.05 15.19 -25.39
C26 CLR J . 23.26 16.54 -26.08
C27 CLR J . 23.14 14.08 -26.44
O1 CLR J . 31.30 4.25 -16.68
C1 CLR K . -2.15 46.05 -32.73
C2 CLR K . -1.84 47.04 -33.85
C3 CLR K . -1.39 48.38 -33.26
C4 CLR K . -0.06 48.16 -32.54
C5 CLR K . -0.24 47.09 -31.48
C6 CLR K . 0.17 47.33 -30.28
C7 CLR K . 0.05 46.37 -29.13
C8 CLR K . -0.15 44.94 -29.63
C9 CLR K . -1.28 44.94 -30.66
C10 CLR K . -0.90 45.79 -31.86
C11 CLR K . -1.70 43.51 -31.05
C12 CLR K . -2.03 42.66 -29.82
C13 CLR K . -0.85 42.61 -28.84
C14 CLR K . -0.56 44.10 -28.44
C15 CLR K . 0.49 43.94 -27.34
C16 CLR K . -0.09 42.77 -26.51
C17 CLR K . -1.06 41.97 -27.45
C18 CLR K . 0.39 42.02 -29.51
C19 CLR K . 0.11 45.00 -32.71
C20 CLR K . -0.79 40.44 -27.36
C21 CLR K . -1.99 39.61 -27.84
C22 CLR K . -0.40 39.98 -25.95
C23 CLR K . -1.59 39.80 -25.00
C24 CLR K . -1.08 39.41 -23.60
C25 CLR K . -2.25 39.32 -22.63
C26 CLR K . -2.94 40.68 -22.51
C27 CLR K . -1.73 38.89 -21.26
O1 CLR K . -1.22 49.33 -34.31
C1 CLR L . 35.02 46.62 -28.10
C2 CLR L . 35.06 47.71 -29.18
C3 CLR L . 36.08 47.33 -30.26
C4 CLR L . 35.57 46.08 -30.97
C5 CLR L . 35.36 44.98 -29.94
C6 CLR L . 35.87 43.81 -30.20
C7 CLR L . 35.74 42.62 -29.29
C8 CLR L . 34.59 42.80 -28.30
C9 CLR L . 34.72 44.18 -27.64
C10 CLR L . 34.58 45.28 -28.69
C11 CLR L . 33.74 44.37 -26.48
C12 CLR L . 33.83 43.24 -25.44
C13 CLR L . 33.67 41.88 -26.11
C14 CLR L . 34.76 41.73 -27.21
C15 CLR L . 34.58 40.27 -27.67
C16 CLR L . 34.36 39.54 -26.31
C17 CLR L . 33.98 40.63 -25.27
C18 CLR L . 32.27 41.77 -26.74
C19 CLR L . 33.11 45.38 -29.10
C20 CLR L . 32.82 40.23 -24.32
C21 CLR L . 33.17 40.64 -22.88
C22 CLR L . 32.51 38.73 -24.31
C23 CLR L . 31.07 38.51 -23.85
C24 CLR L . 30.77 37.01 -23.75
C25 CLR L . 29.34 36.78 -23.26
C26 CLR L . 29.06 35.28 -23.18
C27 CLR L . 29.16 37.39 -21.87
O1 CLR L . 36.20 48.40 -31.20
C1 CLR M . 31.69 19.02 -12.22
C2 CLR M . 31.56 17.56 -11.78
C3 CLR M . 32.55 17.25 -10.65
C4 CLR M . 32.18 18.11 -9.44
C5 CLR M . 32.19 19.57 -9.87
C6 CLR M . 32.90 20.39 -9.15
C7 CLR M . 33.02 21.87 -9.44
C8 CLR M . 31.86 22.36 -10.31
C9 CLR M . 31.66 21.42 -11.51
C10 CLR M . 31.39 19.98 -11.07
C11 CLR M . 30.57 21.95 -12.45
C12 CLR M . 30.81 23.40 -12.88
C13 CLR M . 31.05 24.32 -11.68
C14 CLR M . 32.24 23.74 -10.85
C15 CLR M . 32.49 24.87 -9.82
C16 CLR M . 32.21 26.17 -10.62
C17 CLR M . 31.57 25.72 -11.98
C18 CLR M . 29.82 24.38 -10.77
C19 CLR M . 29.91 19.83 -10.68
C20 CLR M . 30.48 26.64 -12.55
C21 CLR M . 30.78 26.89 -14.04
C22 CLR M . 30.37 28.01 -11.86
C23 CLR M . 29.23 28.81 -12.50
C24 CLR M . 29.24 30.26 -12.02
C25 CLR M . 28.17 31.05 -12.77
C26 CLR M . 28.45 31.04 -14.27
C27 CLR M . 28.17 32.50 -12.28
O1 CLR M . 32.47 15.87 -10.31
C1 PLM N . 5.39 29.88 -54.64
O1 PLM N . 4.74 29.27 -55.53
O2 PLM N . 6.44 30.51 -54.94
C2 PLM N . 4.89 29.87 -53.19
C3 PLM N . 5.22 28.56 -52.48
C4 PLM N . 4.74 28.57 -51.03
C5 PLM N . 5.05 27.25 -50.31
C6 PLM N . 4.60 27.27 -48.85
C7 PLM N . 4.82 25.92 -48.17
C8 PLM N . 4.36 25.94 -46.71
C9 PLM N . 4.68 24.63 -45.99
CA PLM N . 4.39 24.70 -44.50
CB PLM N . 4.88 23.47 -43.74
CC PLM N . 4.59 23.55 -42.25
CD PLM N . 5.09 22.32 -41.49
CE PLM N . 4.57 22.28 -40.06
CF PLM N . 3.06 22.23 -39.99
CG PLM N . 2.54 22.24 -38.56
C1 PLM O . 15.25 57.48 -29.21
O1 PLM O . 15.82 58.59 -29.21
O2 PLM O . 14.06 57.36 -29.57
C2 PLM O . 16.03 56.23 -28.78
C3 PLM O . 15.89 55.93 -27.29
C4 PLM O . 16.69 54.70 -26.87
C5 PLM O . 16.31 54.19 -25.49
C6 PLM O . 16.91 52.82 -25.20
C7 PLM O . 16.39 52.23 -23.88
C8 PLM O . 16.88 50.80 -23.64
C9 PLM O . 16.21 50.18 -22.43
CA PLM O . 16.58 48.71 -22.23
CB PLM O . 15.79 48.09 -21.08
CC PLM O . 16.07 46.60 -20.90
CD PLM O . 15.07 45.96 -19.95
CE PLM O . 15.48 44.55 -19.51
CF PLM O . 14.50 43.97 -18.49
CG PLM O . 15.05 42.73 -17.80
C1 PLM P . 20.57 29.42 -48.67
O1 PLM P . 21.80 29.20 -48.76
O2 PLM P . 20.09 30.54 -49.02
C2 PLM P . 19.63 28.34 -48.11
C3 PLM P . 19.73 28.24 -46.59
C4 PLM P . 18.78 27.19 -46.01
C5 PLM P . 18.88 27.10 -44.49
C6 PLM P . 17.99 26.01 -43.91
C7 PLM P . 18.22 25.79 -42.41
C8 PLM P . 17.55 24.51 -41.93
C9 PLM P . 17.76 24.25 -40.44
CA PLM P . 17.14 22.91 -40.01
CB PLM P . 17.41 22.60 -38.54
CC PLM P . 16.81 21.25 -38.11
CD PLM P . 17.10 20.94 -36.65
CE PLM P . 16.53 19.58 -36.24
CF PLM P . 16.77 19.28 -34.75
CG PLM P . 16.22 17.92 -34.35
C1 PLM Q . 5.09 34.59 -53.89
O1 PLM Q . 4.55 34.24 -54.99
O2 PLM Q . 6.32 34.82 -53.85
C2 PLM Q . 4.24 34.70 -52.63
C3 PLM Q . 3.99 33.34 -51.98
C4 PLM Q . 3.19 33.46 -50.68
C5 PLM Q . 3.01 32.10 -50.00
C6 PLM Q . 2.30 32.22 -48.65
C7 PLM Q . 2.11 30.86 -47.99
C8 PLM Q . 1.31 30.94 -46.69
C9 PLM Q . 1.12 29.56 -46.06
CA PLM Q . 0.47 29.64 -44.68
CB PLM Q . 0.45 28.28 -43.98
CC PLM Q . -0.12 28.35 -42.56
CD PLM Q . 0.06 27.03 -41.81
CE PLM Q . -0.45 27.12 -40.38
CF PLM Q . -0.16 25.84 -39.58
CG PLM Q . -0.68 25.92 -38.15
C1 PLM R . 14.92 5.63 -19.61
O1 PLM R . 15.84 5.46 -18.75
O2 PLM R . 14.17 4.67 -19.93
C2 PLM R . 14.73 7.00 -20.26
C3 PLM R . 15.76 7.24 -21.37
C4 PLM R . 15.66 8.66 -21.94
C5 PLM R . 16.68 8.92 -23.03
C6 PLM R . 16.62 10.35 -23.56
C7 PLM R . 17.67 10.60 -24.64
C8 PLM R . 17.70 12.05 -25.09
C9 PLM R . 18.70 12.28 -26.22
CA PLM R . 18.77 13.74 -26.66
CB PLM R . 19.66 13.94 -27.88
CC PLM R . 20.05 15.40 -28.07
CD PLM R . 21.08 15.59 -29.18
CE PLM R . 21.07 16.99 -29.78
CF PLM R . 19.66 17.42 -30.18
CG PLM R . 19.57 17.78 -31.66
C1 PLM S . -5.10 21.81 -8.57
O1 PLM S . -4.48 20.76 -8.25
O2 PLM S . -6.36 21.87 -8.43
C2 PLM S . -4.33 23.00 -9.13
C3 PLM S . -4.10 22.90 -10.63
C4 PLM S . -2.82 23.63 -11.04
C5 PLM S . -2.75 23.93 -12.54
C6 PLM S . -1.60 24.89 -12.85
C7 PLM S . -1.56 25.29 -14.33
C8 PLM S . -0.53 26.39 -14.58
C9 PLM S . -0.52 26.83 -16.05
CA PLM S . 0.19 28.17 -16.25
CB PLM S . 0.09 28.67 -17.69
CC PLM S . 0.47 30.13 -17.82
CD PLM S . 0.32 30.64 -19.25
CE PLM S . 0.61 32.14 -19.36
CF PLM S . 0.59 32.64 -20.80
CG PLM S . 1.03 34.09 -20.92
#